data_8RZW
#
_entry.id   8RZW
#
_cell.length_a   46.063
_cell.length_b   212.634
_cell.length_c   55.987
_cell.angle_alpha   90.00
_cell.angle_beta   97.16
_cell.angle_gamma   90.00
#
_symmetry.space_group_name_H-M   'P 1 21 1'
#
loop_
_entity.id
_entity.type
_entity.pdbx_description
1 polymer 'Tyrosine-protein phosphatase non-receptor type 11'
2 non-polymer 3,5-bis(chloranyl)pyrazin-2-amine
3 water water
#
_entity_poly.entity_id   1
_entity_poly.type   'polypeptide(L)'
_entity_poly.pdbx_seq_one_letter_code
;HMTSRRWFHPNITGVEAENLLLTRGVDGSFLARPSKSNPGDFTLSVRRNGAVTHIKIQNTGDYYDLYGGEKFATLAELVQ
YYMEHHGQLKEKNGDVIELKYPLNCADPTSERWFHGHLSGKEAEKLLTEKGKHGSFLVRESQSHPGDFVLSVRTGDDKGE
SNDGKSKVTHVMIRCQELKYDVGGGERFDSLTDLVEHYKKNPMVETLGTVLQLKQPLNTTRINAAEIESRVRELSKLAET
TDKVKQGFWEEFETLQQQECKLLYSRKEGQRQENKNKNRYKNILPFDHTRVVLHDGDPNEPVSDYINANIIMPEFETKCN
NSKPKKSYIATQGCLQNTVNDFWRMVFQENSRVIVMTTKEVERGKSKCVKYWPDEYALKEYGVMRVRNVKESAAHDYTLR
ELKLSKVGQGNTERTVWQYHFRTWPDHGVPSDPGGVLDFLEEVHHKQESIMDAGPVVVHCSAGIGRTGTFIVIDILIDII
REKGVDCDIDVPKTIQMVRSQRSGMVQTEAQYRFIYMAVQHYIETLQRRLEHHHHHH
;
_entity_poly.pdbx_strand_id   A,B
#
# COMPACT_ATOMS: atom_id res chain seq x y z
N SER A 4 4.23 11.57 -8.39
CA SER A 4 5.55 11.29 -7.73
C SER A 4 6.57 10.85 -8.80
N ARG A 5 6.73 11.72 -9.79
CA ARG A 5 7.81 11.68 -10.78
C ARG A 5 7.68 10.48 -11.73
N ARG A 6 6.67 9.61 -11.58
CA ARG A 6 6.41 8.54 -12.56
C ARG A 6 5.90 9.13 -13.90
N TRP A 7 5.49 10.39 -13.88
CA TRP A 7 4.98 11.08 -15.07
C TRP A 7 6.13 11.61 -15.92
N PHE A 8 7.36 11.45 -15.44
CA PHE A 8 8.51 11.89 -16.18
C PHE A 8 9.08 10.70 -16.95
N HIS A 9 9.13 10.80 -18.27
CA HIS A 9 9.73 9.75 -19.10
C HIS A 9 11.07 10.29 -19.63
N PRO A 10 12.20 9.72 -19.19
CA PRO A 10 13.49 10.35 -19.49
C PRO A 10 14.02 10.02 -20.89
N ASN A 11 13.37 9.09 -21.58
CA ASN A 11 13.89 8.59 -22.84
C ASN A 11 12.77 8.48 -23.87
N ILE A 12 11.76 9.34 -23.78
CA ILE A 12 10.61 9.28 -24.68
C ILE A 12 10.84 10.28 -25.83
N THR A 13 10.51 9.89 -27.06
CA THR A 13 10.50 10.84 -28.19
C THR A 13 9.14 11.55 -28.23
N GLY A 14 9.08 12.67 -28.96
CA GLY A 14 7.82 13.41 -29.14
C GLY A 14 6.70 12.54 -29.69
N VAL A 15 6.96 11.78 -30.74
CA VAL A 15 5.92 10.96 -31.37
C VAL A 15 5.50 9.84 -30.41
N GLU A 16 6.44 9.25 -29.69
CA GLU A 16 6.11 8.27 -28.65
C GLU A 16 5.26 8.93 -27.56
N ALA A 17 5.55 10.19 -27.23
CA ALA A 17 4.76 10.92 -26.24
C ALA A 17 3.29 10.98 -26.68
N GLU A 18 3.08 11.38 -27.95
CA GLU A 18 1.72 11.53 -28.48
C GLU A 18 1.02 10.16 -28.51
N ASN A 19 1.70 9.17 -29.09
CA ASN A 19 1.20 7.81 -29.17
C ASN A 19 0.71 7.35 -27.79
N LEU A 20 1.57 7.47 -26.79
CA LEU A 20 1.26 7.03 -25.42
C LEU A 20 -0.06 7.67 -24.93
N LEU A 21 -0.18 8.98 -25.12
CA LEU A 21 -1.31 9.71 -24.56
C LEU A 21 -2.60 9.37 -25.31
N LEU A 22 -2.52 9.12 -26.62
CA LEU A 22 -3.72 8.83 -27.41
C LEU A 22 -4.20 7.40 -27.16
N THR A 23 -3.27 6.46 -26.95
CA THR A 23 -3.60 5.03 -26.85
C THR A 23 -3.74 4.57 -25.38
N ARG A 24 -3.02 5.18 -24.44
CA ARG A 24 -3.00 4.73 -23.01
C ARG A 24 -3.54 5.81 -22.05
N GLY A 25 -3.85 7.00 -22.56
CA GLY A 25 -4.30 8.09 -21.75
C GLY A 25 -5.71 8.53 -22.11
N VAL A 26 -6.19 9.54 -21.42
CA VAL A 26 -7.48 10.14 -21.70
C VAL A 26 -7.31 11.66 -21.68
N ASP A 27 -8.39 12.39 -21.95
CA ASP A 27 -8.38 13.83 -21.80
C ASP A 27 -8.04 14.17 -20.34
N GLY A 28 -6.98 14.98 -20.20
CA GLY A 28 -6.38 15.34 -18.92
C GLY A 28 -5.13 14.53 -18.61
N SER A 29 -4.83 13.48 -19.39
CA SER A 29 -3.56 12.73 -19.25
C SER A 29 -2.36 13.62 -19.62
N PHE A 30 -1.24 13.44 -18.91
CA PHE A 30 -0.04 14.19 -19.20
C PHE A 30 1.22 13.41 -18.80
N LEU A 31 2.32 13.83 -19.41
CA LEU A 31 3.65 13.43 -18.98
C LEU A 31 4.63 14.58 -19.24
N ALA A 32 5.79 14.54 -18.61
CA ALA A 32 6.86 15.44 -18.98
C ALA A 32 8.04 14.64 -19.51
N ARG A 33 8.84 15.31 -20.33
CA ARG A 33 9.94 14.66 -21.07
C ARG A 33 11.07 15.67 -21.30
N PRO A 34 12.32 15.19 -21.34
CA PRO A 34 13.42 16.05 -21.77
C PRO A 34 13.38 16.19 -23.30
N SER A 35 13.40 17.41 -23.83
CA SER A 35 13.67 17.59 -25.27
C SER A 35 15.19 17.59 -25.44
N LYS A 36 15.73 16.41 -25.71
CA LYS A 36 17.11 16.11 -25.33
C LYS A 36 18.03 16.28 -26.55
N SER A 37 17.97 17.48 -27.13
CA SER A 37 19.04 17.99 -27.98
C SER A 37 19.36 19.45 -27.61
N ASN A 38 18.93 19.92 -26.43
CA ASN A 38 19.32 21.27 -25.94
C ASN A 38 19.05 21.36 -24.42
N PRO A 39 19.67 20.46 -23.65
CA PRO A 39 19.67 20.38 -22.19
C PRO A 39 19.19 21.66 -21.47
N GLY A 40 18.21 21.45 -20.59
CA GLY A 40 17.47 22.54 -20.00
C GLY A 40 16.24 22.88 -20.83
N ASP A 41 15.93 22.03 -21.81
CA ASP A 41 14.63 22.09 -22.43
C ASP A 41 13.89 20.86 -21.96
N PHE A 42 12.61 21.07 -21.65
CA PHE A 42 11.71 19.97 -21.35
C PHE A 42 10.37 20.24 -22.05
N THR A 43 9.55 19.21 -22.13
CA THR A 43 8.23 19.35 -22.69
C THR A 43 7.19 18.74 -21.75
N LEU A 44 6.14 19.52 -21.49
CA LEU A 44 4.91 19.02 -20.92
C LEU A 44 3.94 18.61 -22.05
N SER A 45 3.69 17.31 -22.19
CA SER A 45 2.74 16.79 -23.17
C SER A 45 1.40 16.48 -22.49
N VAL A 46 0.29 16.92 -23.10
CA VAL A 46 -1.02 16.88 -22.43
C VAL A 46 -2.11 16.56 -23.45
N ARG A 47 -2.95 15.58 -23.16
CA ARG A 47 -4.13 15.31 -23.93
C ARG A 47 -5.25 16.29 -23.53
N ARG A 48 -6.01 16.73 -24.53
CA ARG A 48 -7.15 17.62 -24.33
C ARG A 48 -8.00 17.60 -25.61
N ASN A 49 -9.29 17.31 -25.47
CA ASN A 49 -10.27 17.31 -26.60
C ASN A 49 -9.88 16.27 -27.67
N GLY A 50 -9.17 15.21 -27.31
CA GLY A 50 -8.76 14.17 -28.27
C GLY A 50 -7.55 14.57 -29.11
N ALA A 51 -6.90 15.68 -28.80
CA ALA A 51 -5.60 16.03 -29.40
C ALA A 51 -4.53 16.12 -28.30
N VAL A 52 -3.25 16.02 -28.67
CA VAL A 52 -2.13 16.21 -27.73
C VAL A 52 -1.50 17.58 -27.96
N THR A 53 -1.20 18.29 -26.88
CA THR A 53 -0.51 19.57 -26.95
C THR A 53 0.82 19.49 -26.17
N HIS A 54 1.86 20.09 -26.74
CA HIS A 54 3.22 20.06 -26.21
C HIS A 54 3.58 21.47 -25.72
N ILE A 55 3.88 21.60 -24.42
CA ILE A 55 4.17 22.89 -23.86
C ILE A 55 5.64 22.86 -23.43
N LYS A 56 6.40 23.87 -23.88
CA LYS A 56 7.82 24.00 -23.56
C LYS A 56 8.05 24.55 -22.15
N ILE A 57 9.05 23.95 -21.49
CA ILE A 57 9.63 24.43 -20.27
C ILE A 57 11.12 24.62 -20.53
N GLN A 58 11.59 25.77 -20.14
CA GLN A 58 12.97 26.18 -20.35
C GLN A 58 13.64 26.36 -18.97
N ASN A 59 14.87 25.88 -18.84
CA ASN A 59 15.70 26.17 -17.65
C ASN A 59 17.12 26.49 -18.13
N THR A 60 17.46 27.77 -18.06
CA THR A 60 18.82 28.22 -18.35
C THR A 60 19.66 28.30 -17.06
N GLY A 61 19.10 27.91 -15.92
CA GLY A 61 19.88 27.85 -14.64
C GLY A 61 19.23 28.53 -13.45
N ASP A 62 18.12 29.26 -13.62
CA ASP A 62 17.55 29.98 -12.48
C ASP A 62 16.20 29.47 -12.02
N TYR A 63 15.45 28.81 -12.93
CA TYR A 63 14.11 28.24 -12.66
C TYR A 63 13.56 27.54 -13.91
N TYR A 64 12.53 26.72 -13.71
CA TYR A 64 11.74 26.11 -14.76
C TYR A 64 10.67 27.10 -15.24
N ASP A 65 10.76 27.52 -16.49
CA ASP A 65 9.84 28.53 -17.01
C ASP A 65 8.88 27.87 -18.02
N LEU A 66 7.65 27.65 -17.57
CA LEU A 66 6.64 26.95 -18.36
C LEU A 66 5.97 27.98 -19.28
N TYR A 67 6.13 27.83 -20.61
CA TYR A 67 5.53 28.80 -21.53
C TYR A 67 4.03 28.89 -21.25
N GLY A 68 3.52 30.11 -21.11
CA GLY A 68 2.09 30.34 -20.82
C GLY A 68 1.71 30.00 -19.40
N GLY A 69 2.67 29.62 -18.57
CA GLY A 69 2.41 29.47 -17.16
C GLY A 69 3.45 30.18 -16.30
N GLU A 70 3.85 29.51 -15.23
CA GLU A 70 4.58 30.17 -14.19
C GLU A 70 5.99 29.57 -14.14
N LYS A 71 6.81 30.16 -13.26
CA LYS A 71 8.16 29.70 -12.99
C LYS A 71 8.15 28.85 -11.71
N PHE A 72 8.91 27.76 -11.73
CA PHE A 72 8.90 26.75 -10.69
C PHE A 72 10.32 26.27 -10.39
N ALA A 73 10.46 25.85 -9.14
CA ALA A 73 11.73 25.46 -8.62
C ALA A 73 12.02 24.02 -9.05
N THR A 74 11.00 23.20 -9.17
CA THR A 74 11.18 21.82 -9.60
C THR A 74 10.00 21.38 -10.46
N LEU A 75 10.25 20.38 -11.32
CA LEU A 75 9.15 19.82 -12.15
C LEU A 75 8.07 19.25 -11.23
N ALA A 76 8.47 18.60 -10.14
CA ALA A 76 7.46 18.03 -9.21
C ALA A 76 6.59 19.14 -8.61
N GLU A 77 7.20 20.29 -8.29
CA GLU A 77 6.44 21.41 -7.71
C GLU A 77 5.50 21.96 -8.79
N LEU A 78 6.01 22.04 -10.02
CA LEU A 78 5.20 22.50 -11.17
C LEU A 78 3.95 21.63 -11.34
N VAL A 79 4.12 20.32 -11.34
CA VAL A 79 3.01 19.40 -11.49
C VAL A 79 2.07 19.48 -10.27
N GLN A 80 2.60 19.54 -9.04
CA GLN A 80 1.71 19.61 -7.88
C GLN A 80 0.82 20.85 -8.02
N TYR A 81 1.42 21.97 -8.40
CA TYR A 81 0.68 23.23 -8.50
C TYR A 81 -0.53 23.07 -9.43
N TYR A 82 -0.34 22.50 -10.62
CA TYR A 82 -1.44 22.47 -11.62
C TYR A 82 -2.45 21.35 -11.31
N MET A 83 -2.02 20.30 -10.63
CA MET A 83 -2.93 19.24 -10.21
C MET A 83 -3.85 19.68 -9.06
N GLU A 84 -3.55 20.80 -8.38
CA GLU A 84 -4.46 21.41 -7.38
C GLU A 84 -5.19 22.62 -7.98
N HIS A 85 -4.85 23.04 -9.21
CA HIS A 85 -5.36 24.29 -9.81
C HIS A 85 -5.85 24.04 -11.24
N HIS A 86 -7.06 23.49 -11.39
CA HIS A 86 -7.64 23.24 -12.73
C HIS A 86 -8.17 24.54 -13.32
N GLY A 87 -7.66 24.92 -14.49
CA GLY A 87 -8.05 26.17 -15.15
C GLY A 87 -6.96 27.22 -15.09
N GLN A 88 -5.88 26.94 -14.35
CA GLN A 88 -4.78 27.89 -14.15
C GLN A 88 -3.75 27.78 -15.27
N LEU A 89 -3.81 26.72 -16.08
CA LEU A 89 -2.91 26.55 -17.24
C LEU A 89 -3.73 26.62 -18.53
N LYS A 90 -3.20 27.34 -19.50
CA LYS A 90 -3.94 27.66 -20.71
C LYS A 90 -2.95 27.95 -21.85
N GLU A 91 -3.36 27.65 -23.07
CA GLU A 91 -2.52 27.90 -24.24
C GLU A 91 -2.59 29.40 -24.56
N LYS A 92 -2.22 29.76 -25.79
CA LYS A 92 -2.09 31.16 -26.17
C LYS A 92 -3.48 31.80 -26.39
N ASN A 93 -4.37 31.11 -27.11
CA ASN A 93 -5.71 31.64 -27.42
C ASN A 93 -6.61 31.51 -26.19
N VAL A 96 -8.39 26.44 -21.44
CA VAL A 96 -7.51 25.95 -20.38
C VAL A 96 -6.99 24.56 -20.76
N ILE A 97 -5.80 24.24 -20.24
CA ILE A 97 -5.20 22.93 -20.39
C ILE A 97 -5.14 22.29 -19.00
N GLU A 98 -5.85 21.17 -18.85
CA GLU A 98 -6.03 20.50 -17.57
C GLU A 98 -5.00 19.38 -17.42
N LEU A 99 -4.19 19.42 -16.36
CA LEU A 99 -3.37 18.27 -15.94
C LEU A 99 -4.15 17.45 -14.90
N LYS A 100 -4.62 16.28 -15.29
CA LYS A 100 -5.54 15.48 -14.44
C LYS A 100 -4.88 14.16 -14.03
N TYR A 101 -4.33 13.44 -15.03
CA TYR A 101 -3.96 12.04 -14.90
C TYR A 101 -2.50 11.85 -15.35
N PRO A 102 -1.56 11.67 -14.40
CA PRO A 102 -0.21 11.35 -14.81
C PRO A 102 -0.19 10.03 -15.59
N LEU A 103 0.63 9.99 -16.64
CA LEU A 103 0.85 8.79 -17.42
C LEU A 103 2.22 8.25 -17.00
N ASN A 104 2.20 7.08 -16.37
CA ASN A 104 3.35 6.55 -15.68
C ASN A 104 4.32 5.91 -16.68
N CYS A 105 5.61 6.19 -16.47
CA CYS A 105 6.74 5.60 -17.20
C CYS A 105 7.19 4.31 -16.50
N ALA A 106 7.40 3.24 -17.25
CA ALA A 106 7.92 1.99 -16.71
C ALA A 106 9.46 1.97 -16.77
N ASP A 107 10.09 2.94 -17.44
CA ASP A 107 11.56 3.01 -17.52
C ASP A 107 12.21 2.97 -16.12
N PRO A 108 13.04 1.95 -15.87
CA PRO A 108 13.76 1.92 -14.60
C PRO A 108 15.11 2.67 -14.55
N THR A 109 15.49 3.38 -15.62
CA THR A 109 16.88 3.84 -15.78
C THR A 109 17.27 4.93 -14.77
N SER A 110 16.34 5.67 -14.18
CA SER A 110 16.70 6.74 -13.22
C SER A 110 16.55 6.29 -11.76
N GLU A 111 16.36 5.00 -11.52
CA GLU A 111 16.27 4.52 -10.16
C GLU A 111 17.69 4.31 -9.64
N ARG A 112 17.96 4.74 -8.41
CA ARG A 112 19.25 4.51 -7.78
C ARG A 112 19.56 3.01 -7.79
N TRP A 113 18.54 2.16 -7.59
CA TRP A 113 18.73 0.71 -7.39
C TRP A 113 18.92 -0.02 -8.74
N PHE A 114 18.77 0.63 -9.88
CA PHE A 114 18.93 -0.02 -11.17
C PHE A 114 20.36 0.19 -11.71
N HIS A 115 21.08 -0.92 -11.93
CA HIS A 115 22.46 -0.90 -12.43
C HIS A 115 22.54 -1.47 -13.86
N GLY A 116 21.42 -1.98 -14.38
CA GLY A 116 21.35 -2.52 -15.74
C GLY A 116 22.49 -3.46 -16.06
N HIS A 117 23.43 -2.96 -16.87
CA HIS A 117 24.66 -3.68 -17.24
C HIS A 117 25.36 -4.21 -15.98
N LEU A 118 25.37 -5.52 -15.76
CA LEU A 118 26.03 -6.05 -14.55
C LEU A 118 25.99 -7.57 -14.56
N SER A 119 27.00 -8.17 -13.92
CA SER A 119 27.07 -9.62 -13.78
C SER A 119 26.90 -9.97 -12.29
N GLY A 120 26.63 -11.24 -12.01
CA GLY A 120 26.30 -11.70 -10.67
C GLY A 120 27.47 -11.60 -9.70
N LYS A 121 28.66 -12.00 -10.15
CA LYS A 121 29.86 -12.03 -9.29
C LYS A 121 30.30 -10.58 -9.01
N GLU A 122 30.22 -9.72 -10.01
CA GLU A 122 30.54 -8.30 -9.86
C GLU A 122 29.49 -7.60 -8.98
N ALA A 123 28.22 -7.99 -9.10
CA ALA A 123 27.18 -7.44 -8.24
C ALA A 123 27.41 -7.89 -6.79
N GLU A 124 27.93 -9.10 -6.61
CA GLU A 124 28.25 -9.63 -5.28
C GLU A 124 29.40 -8.83 -4.66
N LYS A 125 30.40 -8.46 -5.47
CA LYS A 125 31.61 -7.81 -4.94
C LYS A 125 31.30 -6.37 -4.54
N LEU A 126 30.40 -5.72 -5.27
CA LEU A 126 29.95 -4.38 -4.92
C LEU A 126 29.16 -4.43 -3.59
N LEU A 127 28.29 -5.42 -3.41
CA LEU A 127 27.52 -5.51 -2.16
C LEU A 127 28.45 -5.92 -1.01
N THR A 128 29.46 -6.72 -1.30
CA THR A 128 30.42 -7.14 -0.27
C THR A 128 31.24 -5.94 0.22
N GLU A 129 31.57 -5.02 -0.69
CA GLU A 129 32.46 -3.89 -0.39
C GLU A 129 31.66 -2.67 0.07
N LYS A 130 30.52 -2.40 -0.56
CA LYS A 130 29.82 -1.12 -0.37
C LYS A 130 28.52 -1.30 0.41
N GLY A 131 27.99 -2.50 0.50
CA GLY A 131 26.64 -2.70 1.00
C GLY A 131 26.61 -2.94 2.50
N LYS A 132 25.46 -2.73 3.11
CA LYS A 132 25.21 -3.17 4.47
C LYS A 132 23.94 -4.02 4.44
N HIS A 133 23.46 -4.42 5.61
CA HIS A 133 22.22 -5.18 5.67
C HIS A 133 21.11 -4.36 4.99
N GLY A 134 20.36 -5.02 4.11
CA GLY A 134 19.23 -4.41 3.42
C GLY A 134 19.64 -3.69 2.15
N SER A 135 20.92 -3.71 1.79
CA SER A 135 21.38 -3.04 0.58
C SER A 135 21.08 -3.93 -0.64
N PHE A 136 20.52 -3.32 -1.69
CA PHE A 136 20.04 -4.12 -2.84
C PHE A 136 20.23 -3.35 -4.15
N LEU A 137 20.10 -4.09 -5.26
CA LEU A 137 20.16 -3.54 -6.60
C LEU A 137 19.39 -4.46 -7.55
N VAL A 138 19.01 -3.94 -8.71
CA VAL A 138 18.39 -4.71 -9.77
C VAL A 138 19.30 -4.62 -10.99
N ARG A 139 19.57 -5.78 -11.59
CA ARG A 139 20.46 -5.87 -12.74
C ARG A 139 19.83 -6.78 -13.80
N GLU A 140 20.33 -6.67 -15.02
CA GLU A 140 19.94 -7.57 -16.13
C GLU A 140 20.64 -8.93 -15.96
N SER A 141 20.06 -9.96 -16.59
CA SER A 141 20.22 -11.37 -16.16
C SER A 141 21.53 -12.02 -16.64
N GLN A 142 21.93 -11.75 -17.88
CA GLN A 142 23.02 -12.47 -18.56
C GLN A 142 22.53 -13.87 -19.00
N SER A 143 22.16 -14.73 -18.05
CA SER A 143 21.77 -16.11 -18.37
C SER A 143 20.37 -16.18 -18.99
N HIS A 144 19.57 -15.13 -18.88
CA HIS A 144 18.20 -15.09 -19.41
C HIS A 144 17.93 -13.72 -20.04
N PRO A 145 18.23 -13.55 -21.33
CA PRO A 145 17.91 -12.35 -22.12
C PRO A 145 16.48 -11.82 -21.88
N GLY A 146 16.38 -10.57 -21.43
CA GLY A 146 15.07 -9.92 -21.20
C GLY A 146 14.64 -9.93 -19.75
N ASP A 147 15.19 -10.85 -18.95
CA ASP A 147 14.91 -10.92 -17.52
C ASP A 147 15.85 -10.00 -16.71
N PHE A 148 15.63 -10.01 -15.39
CA PHE A 148 16.39 -9.19 -14.45
C PHE A 148 16.64 -9.99 -13.17
N VAL A 149 17.56 -9.49 -12.35
CA VAL A 149 17.90 -10.14 -11.08
C VAL A 149 17.91 -9.06 -9.98
N LEU A 150 17.34 -9.41 -8.83
CA LEU A 150 17.44 -8.61 -7.62
C LEU A 150 18.47 -9.27 -6.71
N SER A 151 19.50 -8.51 -6.37
CA SER A 151 20.54 -8.96 -5.46
C SER A 151 20.46 -8.14 -4.16
N VAL A 152 20.47 -8.82 -3.00
CA VAL A 152 20.27 -8.17 -1.71
C VAL A 152 21.30 -8.71 -0.70
N ARG A 153 21.83 -7.82 0.13
CA ARG A 153 22.72 -8.20 1.23
C ARG A 153 21.89 -8.28 2.51
N THR A 154 22.15 -9.26 3.37
CA THR A 154 21.44 -9.42 4.65
C THR A 154 22.44 -9.87 5.74
N GLY A 155 21.97 -9.94 6.98
CA GLY A 155 22.74 -10.50 8.10
C GLY A 155 23.72 -9.50 8.70
N SER A 161 34.35 -7.33 9.44
CA SER A 161 35.01 -8.59 9.18
C SER A 161 34.09 -9.49 8.34
N ASN A 162 34.67 -10.29 7.45
CA ASN A 162 33.93 -11.25 6.62
C ASN A 162 33.89 -12.60 7.35
N ASP A 163 33.08 -12.67 8.42
CA ASP A 163 32.97 -13.89 9.22
C ASP A 163 31.78 -14.77 8.83
N GLY A 164 31.06 -14.40 7.76
CA GLY A 164 29.96 -15.19 7.22
C GLY A 164 28.63 -14.89 7.90
N LYS A 165 28.57 -13.81 8.69
CA LYS A 165 27.34 -13.42 9.39
C LYS A 165 26.38 -12.73 8.41
N SER A 166 26.93 -12.17 7.33
CA SER A 166 26.14 -11.61 6.25
C SER A 166 26.18 -12.52 5.01
N LYS A 167 25.26 -12.28 4.08
CA LYS A 167 25.20 -13.03 2.82
C LYS A 167 24.49 -12.20 1.73
N VAL A 168 24.68 -12.59 0.47
CA VAL A 168 23.98 -11.98 -0.65
C VAL A 168 23.02 -13.03 -1.21
N THR A 169 21.81 -12.57 -1.58
CA THR A 169 20.77 -13.42 -2.17
C THR A 169 20.38 -12.84 -3.54
N HIS A 170 20.18 -13.72 -4.53
CA HIS A 170 19.89 -13.33 -5.91
C HIS A 170 18.51 -13.85 -6.32
N VAL A 171 17.52 -12.95 -6.41
CA VAL A 171 16.16 -13.32 -6.78
C VAL A 171 15.96 -13.05 -8.28
N MET A 172 15.59 -14.09 -9.02
CA MET A 172 15.32 -13.94 -10.46
C MET A 172 13.99 -13.22 -10.64
N ILE A 173 13.97 -12.29 -11.61
CA ILE A 173 12.79 -11.51 -11.96
C ILE A 173 12.44 -11.79 -13.42
N ARG A 174 11.35 -12.50 -13.63
CA ARG A 174 10.91 -12.83 -14.98
C ARG A 174 10.15 -11.63 -15.57
N CYS A 175 10.46 -11.33 -16.82
CA CYS A 175 9.74 -10.36 -17.62
C CYS A 175 8.92 -11.14 -18.65
N GLN A 176 7.61 -11.25 -18.39
CA GLN A 176 6.75 -12.02 -19.29
C GLN A 176 5.65 -11.10 -19.80
N GLU A 177 5.67 -10.82 -21.10
CA GLU A 177 4.57 -10.18 -21.79
C GLU A 177 4.30 -8.80 -21.17
N LEU A 178 5.38 -8.06 -20.96
CA LEU A 178 5.37 -6.65 -20.57
C LEU A 178 5.11 -6.46 -19.08
N LYS A 179 5.10 -7.54 -18.30
CA LYS A 179 4.93 -7.47 -16.84
C LYS A 179 6.11 -8.19 -16.16
N TYR A 180 6.37 -7.85 -14.89
CA TYR A 180 7.51 -8.44 -14.15
C TYR A 180 7.01 -9.15 -12.88
N ASP A 181 7.64 -10.27 -12.58
CA ASP A 181 7.29 -11.02 -11.39
C ASP A 181 8.49 -11.79 -10.88
N VAL A 182 8.35 -12.34 -9.67
CA VAL A 182 9.44 -13.06 -9.02
C VAL A 182 9.15 -14.56 -9.07
N GLY A 183 8.50 -15.01 -10.15
CA GLY A 183 8.16 -16.41 -10.34
C GLY A 183 6.90 -16.81 -9.58
N GLY A 184 6.09 -15.85 -9.17
CA GLY A 184 4.86 -16.18 -8.47
C GLY A 184 4.09 -14.95 -8.04
N GLY A 185 2.79 -15.11 -7.82
CA GLY A 185 1.96 -14.08 -7.20
C GLY A 185 1.59 -12.97 -8.17
N GLU A 186 1.96 -11.76 -7.83
CA GLU A 186 1.55 -10.58 -8.58
C GLU A 186 2.52 -10.33 -9.74
N ARG A 187 1.95 -9.81 -10.82
CA ARG A 187 2.70 -9.35 -11.97
C ARG A 187 2.59 -7.82 -12.03
N PHE A 188 3.70 -7.13 -12.25
CA PHE A 188 3.76 -5.68 -12.14
C PHE A 188 4.07 -5.06 -13.51
N ASP A 189 3.58 -3.83 -13.72
CA ASP A 189 3.82 -3.09 -14.98
C ASP A 189 5.24 -2.52 -15.12
N SER A 190 6.04 -2.56 -14.06
CA SER A 190 7.39 -2.02 -14.11
C SER A 190 8.19 -2.58 -12.93
N LEU A 191 9.51 -2.52 -13.03
CA LEU A 191 10.38 -2.95 -11.94
C LEU A 191 10.22 -2.00 -10.75
N THR A 192 9.92 -0.73 -10.99
CA THR A 192 9.60 0.18 -9.86
C THR A 192 8.46 -0.44 -9.04
N ASP A 193 7.35 -0.77 -9.69
CA ASP A 193 6.18 -1.32 -8.97
C ASP A 193 6.51 -2.60 -8.19
N LEU A 194 7.17 -3.55 -8.84
CA LEU A 194 7.70 -4.76 -8.18
C LEU A 194 8.52 -4.37 -6.94
N VAL A 195 9.47 -3.44 -7.14
CA VAL A 195 10.45 -3.08 -6.10
C VAL A 195 9.72 -2.38 -4.95
N GLU A 196 8.73 -1.54 -5.27
CA GLU A 196 7.97 -0.85 -4.22
C GLU A 196 7.20 -1.87 -3.39
N HIS A 197 6.55 -2.83 -4.07
CA HIS A 197 5.73 -3.82 -3.40
C HIS A 197 6.57 -4.67 -2.44
N TYR A 198 7.71 -5.18 -2.89
CA TYR A 198 8.50 -6.07 -2.02
C TYR A 198 9.31 -5.24 -1.03
N LYS A 199 9.37 -3.92 -1.25
CA LYS A 199 9.91 -3.00 -0.24
C LYS A 199 8.98 -2.97 0.97
N LYS A 200 7.67 -2.91 0.75
CA LYS A 200 6.70 -2.83 1.85
C LYS A 200 6.26 -4.23 2.28
N ASN A 201 6.37 -5.23 1.40
CA ASN A 201 5.93 -6.60 1.73
C ASN A 201 7.10 -7.56 1.42
N PRO A 202 8.20 -7.44 2.19
CA PRO A 202 9.47 -8.15 1.96
C PRO A 202 9.28 -9.66 1.75
N MET A 203 10.19 -10.23 0.97
CA MET A 203 10.20 -11.66 0.71
C MET A 203 10.90 -12.37 1.88
N VAL A 204 10.40 -13.55 2.23
CA VAL A 204 10.99 -14.35 3.32
C VAL A 204 11.41 -15.71 2.74
N GLU A 205 12.67 -16.05 2.92
CA GLU A 205 13.16 -17.38 2.55
C GLU A 205 12.52 -18.41 3.49
N THR A 206 12.43 -19.65 3.02
CA THR A 206 11.69 -20.70 3.75
C THR A 206 12.27 -20.89 5.16
N LEU A 207 13.55 -20.59 5.36
CA LEU A 207 14.16 -20.77 6.68
C LEU A 207 14.19 -19.43 7.43
N GLY A 208 13.60 -18.39 6.85
CA GLY A 208 13.09 -17.27 7.64
C GLY A 208 13.79 -15.93 7.38
N THR A 209 14.89 -15.91 6.62
CA THR A 209 15.56 -14.64 6.34
C THR A 209 14.58 -13.71 5.61
N VAL A 210 14.35 -12.54 6.18
CA VAL A 210 13.56 -11.49 5.53
C VAL A 210 14.49 -10.75 4.56
N LEU A 211 14.15 -10.77 3.27
CA LEU A 211 14.92 -10.04 2.26
C LEU A 211 14.42 -8.59 2.23
N GLN A 212 14.77 -7.82 3.25
CA GLN A 212 14.31 -6.45 3.35
C GLN A 212 15.13 -5.59 2.37
N LEU A 213 14.43 -4.78 1.60
CA LEU A 213 15.05 -3.82 0.70
C LEU A 213 15.05 -2.46 1.40
N LYS A 214 16.16 -2.11 2.03
CA LYS A 214 16.21 -0.95 2.92
C LYS A 214 16.85 0.25 2.22
N GLN A 215 17.96 0.06 1.50
CA GLN A 215 18.62 1.19 0.78
C GLN A 215 19.32 0.67 -0.49
N PRO A 216 19.25 1.42 -1.61
CA PRO A 216 20.02 1.02 -2.78
C PRO A 216 21.53 1.11 -2.53
N LEU A 217 22.31 0.44 -3.35
CA LEU A 217 23.75 0.46 -3.21
C LEU A 217 24.29 1.79 -3.75
N ASN A 218 25.09 2.47 -2.91
CA ASN A 218 25.69 3.76 -3.24
C ASN A 218 26.69 3.60 -4.41
N THR A 219 26.48 4.40 -5.44
CA THR A 219 27.27 4.38 -6.68
C THR A 219 27.93 5.75 -6.94
N THR A 220 27.63 6.73 -6.09
CA THR A 220 27.95 8.12 -6.37
C THR A 220 29.10 8.59 -5.48
N ARG A 221 29.29 7.98 -4.30
CA ARG A 221 30.37 8.42 -3.37
C ARG A 221 31.74 8.08 -3.95
N ILE A 222 32.60 9.08 -4.06
CA ILE A 222 33.96 8.91 -4.62
C ILE A 222 34.96 9.43 -3.58
N ASN A 223 36.17 8.91 -3.69
CA ASN A 223 37.27 9.42 -2.92
C ASN A 223 37.84 10.64 -3.66
N ALA A 224 37.85 11.80 -3.00
CA ALA A 224 38.19 13.05 -3.69
C ALA A 224 39.54 12.93 -4.40
N ALA A 225 40.42 12.06 -3.91
CA ALA A 225 41.72 11.80 -4.56
C ALA A 225 41.57 11.53 -6.06
N GLU A 226 40.52 10.79 -6.43
CA GLU A 226 40.37 10.24 -7.79
C GLU A 226 39.14 10.85 -8.48
N ILE A 227 38.97 12.17 -8.34
CA ILE A 227 37.84 12.90 -8.96
C ILE A 227 38.05 12.95 -10.48
N GLU A 228 39.29 13.11 -10.91
CA GLU A 228 39.64 13.08 -12.34
C GLU A 228 39.07 11.81 -12.99
N SER A 229 39.23 10.66 -12.34
CA SER A 229 38.78 9.37 -12.89
C SER A 229 37.26 9.34 -13.06
N ARG A 230 36.52 9.79 -12.05
CA ARG A 230 35.05 9.81 -12.13
C ARG A 230 34.60 10.76 -13.25
N VAL A 231 35.21 11.94 -13.31
CA VAL A 231 34.76 13.01 -14.20
C VAL A 231 34.95 12.56 -15.65
N ARG A 232 36.11 11.96 -15.92
CA ARG A 232 36.42 11.36 -17.22
C ARG A 232 35.44 10.23 -17.55
N GLU A 233 35.06 9.41 -16.57
CA GLU A 233 34.04 8.35 -16.77
C GLU A 233 32.66 9.02 -17.03
N LEU A 234 32.31 10.06 -16.29
CA LEU A 234 31.00 10.73 -16.45
C LEU A 234 30.95 11.55 -17.75
N SER A 235 32.09 11.72 -18.42
CA SER A 235 32.22 12.61 -19.57
C SER A 235 31.86 11.91 -20.88
N LYS A 236 31.61 10.60 -20.84
CA LYS A 236 31.21 9.82 -22.03
C LYS A 236 29.71 9.54 -21.99
N GLY A 247 27.01 8.58 -17.44
CA GLY A 247 27.36 9.98 -17.72
C GLY A 247 26.68 10.96 -16.77
N PHE A 248 27.19 12.20 -16.80
CA PHE A 248 26.68 13.33 -16.03
C PHE A 248 25.16 13.46 -16.16
N TRP A 249 24.65 13.21 -17.37
CA TRP A 249 23.24 13.39 -17.60
C TRP A 249 22.45 12.29 -16.87
N GLU A 250 22.91 11.04 -16.93
CA GLU A 250 22.18 9.93 -16.28
C GLU A 250 22.22 10.10 -14.75
N GLU A 251 23.35 10.57 -14.23
CA GLU A 251 23.50 10.79 -12.80
C GLU A 251 22.61 11.97 -12.36
N PHE A 252 22.62 13.05 -13.12
CA PHE A 252 21.74 14.14 -12.78
C PHE A 252 20.28 13.70 -12.75
N GLU A 253 19.84 12.90 -13.73
CA GLU A 253 18.40 12.61 -13.83
C GLU A 253 17.99 11.66 -12.70
N THR A 254 18.87 10.73 -12.35
CA THR A 254 18.71 9.87 -11.17
C THR A 254 18.46 10.75 -9.94
N LEU A 255 19.27 11.78 -9.78
CA LEU A 255 19.06 12.74 -8.65
C LEU A 255 17.71 13.45 -8.77
N GLN A 256 17.35 13.95 -9.96
CA GLN A 256 16.09 14.68 -10.10
C GLN A 256 14.87 13.79 -9.77
N GLN A 257 14.97 12.48 -10.04
CA GLN A 257 13.86 11.57 -9.75
C GLN A 257 13.52 11.63 -8.26
N GLN A 258 14.53 11.87 -7.43
CA GLN A 258 14.34 11.88 -5.94
C GLN A 258 13.72 13.20 -5.45
N GLU A 259 13.33 14.12 -6.34
CA GLU A 259 12.83 15.45 -5.86
C GLU A 259 11.41 15.32 -5.30
N CYS A 260 10.71 14.25 -5.71
CA CYS A 260 9.34 13.98 -5.29
C CYS A 260 9.23 13.69 -3.78
N LYS A 261 10.36 13.45 -3.11
CA LYS A 261 10.41 13.22 -1.65
C LYS A 261 10.49 14.55 -0.88
N LEU A 262 10.66 15.67 -1.61
CA LEU A 262 11.04 16.96 -1.02
C LEU A 262 9.92 18.00 -1.17
N LEU A 263 8.67 17.54 -1.29
CA LEU A 263 7.52 18.44 -1.38
C LEU A 263 7.01 18.78 0.03
N TYR A 264 7.84 19.55 0.74
CA TYR A 264 7.56 19.99 2.11
C TYR A 264 6.70 21.25 2.06
N SER A 265 6.00 21.56 3.15
CA SER A 265 5.08 22.68 3.11
C SER A 265 5.85 24.00 3.02
N ARG A 266 5.15 24.97 2.45
CA ARG A 266 5.62 26.31 2.14
C ARG A 266 4.45 27.25 2.38
N LYS A 267 3.66 26.98 3.43
CA LYS A 267 2.40 27.68 3.68
C LYS A 267 2.67 29.15 4.10
N GLU A 268 3.74 29.45 4.82
CA GLU A 268 4.01 30.86 5.14
C GLU A 268 4.16 31.68 3.84
N GLY A 269 4.89 31.16 2.86
CA GLY A 269 5.11 31.86 1.62
C GLY A 269 3.84 32.09 0.82
N GLN A 270 2.89 31.17 0.96
CA GLN A 270 1.64 31.24 0.18
C GLN A 270 0.58 32.15 0.84
N ARG A 271 0.91 32.81 1.98
CA ARG A 271 -0.05 33.68 2.67
C ARG A 271 -0.22 34.99 1.91
N GLN A 272 -1.48 35.44 1.82
CA GLN A 272 -1.86 36.60 1.01
C GLN A 272 -1.00 37.79 1.41
N GLU A 273 -0.81 37.97 2.72
CA GLU A 273 0.04 39.04 3.27
C GLU A 273 1.51 38.91 2.81
N ASN A 274 1.93 37.72 2.38
CA ASN A 274 3.34 37.53 1.96
C ASN A 274 3.49 37.48 0.43
N LYS A 275 2.38 37.60 -0.30
CA LYS A 275 2.42 37.37 -1.73
C LYS A 275 3.42 38.35 -2.38
N ASN A 276 3.45 39.62 -1.97
CA ASN A 276 4.21 40.63 -2.72
C ASN A 276 5.68 40.67 -2.25
N LYS A 277 6.08 39.69 -1.45
CA LYS A 277 7.46 39.61 -0.95
C LYS A 277 8.22 38.51 -1.67
N ASN A 278 7.57 37.86 -2.64
CA ASN A 278 8.14 36.75 -3.36
C ASN A 278 8.39 37.23 -4.79
N ARG A 279 9.62 37.09 -5.28
CA ARG A 279 9.94 37.50 -6.65
C ARG A 279 9.14 36.63 -7.62
N TYR A 280 9.10 35.32 -7.38
CA TYR A 280 8.31 34.43 -8.19
C TYR A 280 7.25 33.75 -7.30
N LYS A 281 5.99 33.93 -7.66
CA LYS A 281 4.84 33.59 -6.81
C LYS A 281 4.90 32.14 -6.30
N ASN A 282 5.53 31.22 -7.03
CA ASN A 282 5.49 29.80 -6.72
C ASN A 282 6.86 29.28 -6.31
N ILE A 283 7.86 30.15 -6.16
CA ILE A 283 9.15 29.70 -5.66
C ILE A 283 9.25 30.27 -4.24
N LEU A 284 9.08 29.36 -3.31
CA LEU A 284 8.81 29.74 -1.94
C LEU A 284 9.70 28.91 -1.00
N PRO A 285 10.01 29.49 0.18
CA PRO A 285 10.80 28.85 1.24
C PRO A 285 10.00 27.77 2.00
N PHE A 286 10.64 26.63 2.27
CA PHE A 286 10.07 25.62 3.12
C PHE A 286 9.82 26.21 4.51
N ASP A 287 8.65 25.94 5.09
CA ASP A 287 8.34 26.39 6.45
C ASP A 287 9.40 25.99 7.46
N HIS A 288 9.92 24.77 7.33
CA HIS A 288 10.70 24.15 8.41
C HIS A 288 12.08 24.81 8.50
N THR A 289 12.61 25.37 7.40
CA THR A 289 13.92 26.02 7.40
C THR A 289 13.85 27.52 7.08
N ARG A 290 12.65 28.11 6.98
CA ARG A 290 12.57 29.52 6.53
C ARG A 290 13.25 30.43 7.56
N VAL A 291 13.84 31.56 7.13
CA VAL A 291 14.34 32.55 8.10
C VAL A 291 13.17 33.34 8.72
N VAL A 292 12.97 33.24 10.04
CA VAL A 292 11.88 33.94 10.69
C VAL A 292 12.38 35.28 11.27
N LEU A 293 11.71 36.39 10.91
CA LEU A 293 12.20 37.72 11.30
C LEU A 293 11.44 38.17 12.55
N HIS A 294 12.18 38.59 13.57
CA HIS A 294 11.63 39.03 14.82
C HIS A 294 11.75 40.54 14.86
N ASP A 295 11.24 41.16 15.92
CA ASP A 295 11.41 42.59 16.21
C ASP A 295 10.83 43.54 15.13
N GLY A 296 9.76 43.10 14.48
CA GLY A 296 9.21 43.84 13.34
C GLY A 296 8.27 44.95 13.79
N ASP A 297 7.88 45.77 12.81
CA ASP A 297 6.88 46.83 12.99
C ASP A 297 5.51 46.25 13.38
N PRO A 298 5.00 46.59 14.59
CA PRO A 298 3.60 46.27 14.99
C PRO A 298 2.57 46.48 13.86
N ASN A 299 2.60 47.65 13.23
CA ASN A 299 1.54 48.09 12.31
C ASN A 299 1.50 47.22 11.05
N GLU A 300 2.57 46.49 10.74
CA GLU A 300 2.57 45.56 9.59
C GLU A 300 1.74 44.32 9.95
N PRO A 301 0.94 43.78 8.99
CA PRO A 301 0.10 42.61 9.29
C PRO A 301 0.99 41.40 9.65
N VAL A 302 1.85 41.03 8.71
CA VAL A 302 2.85 40.00 8.91
C VAL A 302 4.22 40.65 8.67
N SER A 303 5.13 40.52 9.64
CA SER A 303 6.42 41.20 9.57
C SER A 303 7.57 40.19 9.73
N ASP A 304 7.27 38.90 9.85
CA ASP A 304 8.26 37.84 10.10
C ASP A 304 8.74 37.05 8.86
N TYR A 305 8.32 37.47 7.66
CA TYR A 305 8.56 36.69 6.43
C TYR A 305 9.61 37.36 5.55
N ILE A 306 10.51 36.53 5.10
CA ILE A 306 11.37 36.78 3.98
C ILE A 306 11.57 35.47 3.20
N ASN A 307 11.75 35.59 1.90
CA ASN A 307 11.93 34.42 1.00
C ASN A 307 13.41 34.05 1.09
N ALA A 308 13.72 33.28 2.14
CA ALA A 308 15.05 32.87 2.51
C ALA A 308 14.97 31.57 3.33
N ASN A 309 15.95 30.69 3.17
CA ASN A 309 16.09 29.50 4.01
C ASN A 309 17.51 29.41 4.59
N ILE A 310 17.59 28.89 5.81
CA ILE A 310 18.85 28.50 6.41
C ILE A 310 19.25 27.16 5.80
N ILE A 311 20.48 27.11 5.30
CA ILE A 311 21.05 25.89 4.81
C ILE A 311 22.17 25.46 5.77
N MET A 312 22.01 24.28 6.37
CA MET A 312 23.01 23.74 7.32
C MET A 312 23.63 22.49 6.66
N PRO A 313 24.96 22.48 6.45
CA PRO A 313 25.54 21.27 5.88
C PRO A 313 25.36 20.06 6.81
N GLU A 314 25.01 18.89 6.28
CA GLU A 314 24.75 17.65 7.07
C GLU A 314 25.29 16.43 6.32
N LYS A 325 30.49 24.73 12.43
CA LYS A 325 30.46 24.51 10.98
C LYS A 325 29.76 25.70 10.30
N LYS A 326 30.23 26.03 9.11
CA LYS A 326 29.72 27.19 8.33
C LYS A 326 28.30 26.90 7.84
N SER A 327 27.35 27.79 8.15
CA SER A 327 25.99 27.65 7.59
C SER A 327 25.72 28.79 6.59
N TYR A 328 24.61 28.69 5.85
CA TYR A 328 24.27 29.65 4.83
C TYR A 328 22.80 30.05 4.91
N ILE A 329 22.53 31.18 4.30
CA ILE A 329 21.19 31.58 4.02
C ILE A 329 21.11 31.74 2.50
N ALA A 330 20.24 30.95 1.88
CA ALA A 330 19.99 31.05 0.48
C ALA A 330 18.75 31.95 0.30
N THR A 331 18.87 33.00 -0.49
CA THR A 331 17.75 33.92 -0.59
C THR A 331 17.63 34.41 -2.04
N GLN A 332 16.51 35.05 -2.30
CA GLN A 332 16.23 35.73 -3.61
C GLN A 332 16.91 37.11 -3.59
N GLY A 333 17.08 37.69 -4.78
CA GLY A 333 17.36 39.09 -4.93
C GLY A 333 16.23 39.92 -4.38
N CYS A 334 16.63 40.95 -3.61
CA CYS A 334 15.69 41.88 -3.02
C CYS A 334 14.79 42.49 -4.08
N LEU A 335 13.56 42.68 -3.65
CA LEU A 335 12.65 43.53 -4.31
C LEU A 335 12.69 44.90 -3.60
N GLN A 336 12.17 45.90 -4.28
CA GLN A 336 12.08 47.27 -3.79
C GLN A 336 11.41 47.27 -2.40
N ASN A 337 10.38 46.45 -2.20
CA ASN A 337 9.65 46.42 -0.93
C ASN A 337 10.21 45.35 0.04
N THR A 338 11.32 44.68 -0.25
CA THR A 338 11.88 43.73 0.73
C THR A 338 13.30 44.11 1.16
N VAL A 339 13.90 45.19 0.62
CA VAL A 339 15.25 45.67 1.01
C VAL A 339 15.35 45.82 2.54
N ASN A 340 14.35 46.43 3.16
CA ASN A 340 14.35 46.62 4.64
C ASN A 340 14.42 45.25 5.32
N ASP A 341 13.61 44.29 4.84
CA ASP A 341 13.61 42.95 5.39
C ASP A 341 14.94 42.28 5.22
N PHE A 342 15.56 42.40 4.04
CA PHE A 342 16.86 41.84 3.85
C PHE A 342 17.87 42.34 4.91
N TRP A 343 17.91 43.63 5.19
CA TRP A 343 18.86 44.13 6.23
C TRP A 343 18.42 43.72 7.64
N ARG A 344 17.12 43.60 7.92
CA ARG A 344 16.66 43.01 9.23
C ARG A 344 17.27 41.61 9.39
N MET A 345 17.19 40.83 8.31
CA MET A 345 17.72 39.45 8.30
C MET A 345 19.23 39.40 8.53
N VAL A 346 20.00 40.22 7.81
CA VAL A 346 21.50 40.23 7.94
C VAL A 346 21.84 40.57 9.41
N PHE A 347 21.20 41.60 9.94
CA PHE A 347 21.43 42.07 11.33
C PHE A 347 21.09 40.93 12.31
N GLN A 348 19.85 40.44 12.25
CA GLN A 348 19.37 39.49 13.24
C GLN A 348 20.22 38.21 13.22
N GLU A 349 20.64 37.75 12.04
CA GLU A 349 21.35 36.49 11.91
C GLU A 349 22.86 36.67 12.16
N ASN A 350 23.33 37.89 12.33
CA ASN A 350 24.72 38.20 12.61
C ASN A 350 25.61 37.87 11.41
N SER A 351 25.04 37.83 10.20
CA SER A 351 25.82 37.59 9.02
C SER A 351 26.79 38.72 8.73
N ARG A 352 27.97 38.34 8.30
CA ARG A 352 29.02 39.26 8.05
C ARG A 352 29.52 39.20 6.62
N VAL A 353 28.97 38.28 5.82
CA VAL A 353 29.43 38.08 4.45
C VAL A 353 28.20 37.76 3.58
N ILE A 354 28.15 38.45 2.44
CA ILE A 354 27.07 38.37 1.43
C ILE A 354 27.72 38.08 0.07
N VAL A 355 27.20 37.05 -0.58
CA VAL A 355 27.62 36.66 -1.87
C VAL A 355 26.45 36.94 -2.83
N MET A 356 26.72 37.83 -3.76
CA MET A 356 25.74 38.18 -4.83
C MET A 356 26.20 37.59 -6.16
N THR A 357 25.39 36.73 -6.74
CA THR A 357 25.80 35.91 -7.85
C THR A 357 25.21 36.39 -9.19
N THR A 358 24.45 37.49 -9.21
CA THR A 358 23.87 38.04 -10.45
C THR A 358 24.33 39.50 -10.58
N LYS A 359 24.30 40.05 -11.80
CA LYS A 359 24.21 41.50 -11.91
C LYS A 359 22.83 41.96 -11.41
N GLU A 360 22.66 43.26 -11.20
CA GLU A 360 21.36 43.78 -10.78
C GLU A 360 20.36 43.58 -11.92
N VAL A 361 20.85 43.72 -13.15
CA VAL A 361 20.04 43.62 -14.37
C VAL A 361 20.78 42.67 -15.31
N GLU A 362 20.05 41.66 -15.84
CA GLU A 362 20.55 40.81 -16.93
C GLU A 362 19.42 40.61 -17.98
N ARG A 363 19.82 40.62 -19.26
CA ARG A 363 18.86 40.63 -20.43
C ARG A 363 17.76 41.67 -20.20
N GLY A 364 18.09 42.84 -19.65
CA GLY A 364 17.12 43.92 -19.47
C GLY A 364 16.07 43.64 -18.40
N LYS A 365 16.19 42.59 -17.58
CA LYS A 365 15.23 42.41 -16.48
C LYS A 365 15.95 42.57 -15.13
N SER A 366 15.27 43.18 -14.15
CA SER A 366 15.72 43.26 -12.76
C SER A 366 15.85 41.85 -12.18
N LYS A 367 17.04 41.54 -11.69
CA LYS A 367 17.33 40.26 -10.98
C LYS A 367 17.51 40.49 -9.48
N CYS A 368 18.01 41.67 -9.12
CA CYS A 368 18.15 42.09 -7.70
C CYS A 368 18.23 43.63 -7.64
N VAL A 369 17.41 44.28 -6.84
CA VAL A 369 17.53 45.73 -6.76
C VAL A 369 18.78 46.04 -5.92
N LYS A 370 19.24 47.28 -6.04
CA LYS A 370 20.44 47.74 -5.39
C LYS A 370 20.08 48.07 -3.96
N TYR A 371 20.55 47.24 -3.03
CA TYR A 371 20.17 47.33 -1.62
C TYR A 371 21.35 47.86 -0.79
N TRP A 372 22.38 48.35 -1.46
CA TRP A 372 23.55 48.90 -0.78
C TRP A 372 23.72 50.35 -1.27
N PRO A 373 24.38 51.19 -0.47
CA PRO A 373 24.67 52.58 -0.85
C PRO A 373 25.85 52.66 -1.84
N ASP A 374 25.95 53.79 -2.53
CA ASP A 374 27.12 54.12 -3.39
C ASP A 374 28.33 54.24 -2.51
N GLU A 375 29.51 54.06 -3.10
CA GLU A 375 30.76 54.18 -2.35
C GLU A 375 30.82 55.53 -1.61
N TYR A 376 31.18 55.43 -0.31
CA TYR A 376 31.33 56.56 0.65
C TYR A 376 29.97 57.05 1.18
N ALA A 377 28.87 56.52 0.70
CA ALA A 377 27.56 57.02 1.10
C ALA A 377 26.96 56.12 2.21
N LEU A 378 25.99 56.72 2.86
CA LEU A 378 25.33 56.22 4.04
C LEU A 378 23.82 56.32 3.79
N LYS A 379 23.11 55.23 3.93
CA LYS A 379 21.70 55.23 3.71
C LYS A 379 21.00 54.50 4.85
N GLU A 380 19.78 54.91 5.14
CA GLU A 380 18.94 54.21 6.09
C GLU A 380 17.94 53.33 5.34
N TYR A 381 17.81 52.09 5.81
CA TYR A 381 16.88 51.12 5.29
C TYR A 381 15.90 50.71 6.40
N GLY A 382 14.82 51.47 6.53
CA GLY A 382 13.96 51.33 7.71
C GLY A 382 14.77 51.55 8.99
N VAL A 383 14.77 50.56 9.89
CA VAL A 383 15.42 50.71 11.22
C VAL A 383 16.94 50.45 11.13
N MET A 384 17.43 50.05 9.96
CA MET A 384 18.86 49.72 9.73
C MET A 384 19.55 50.86 8.98
N ARG A 385 20.85 50.96 9.18
CA ARG A 385 21.65 51.97 8.59
C ARG A 385 22.86 51.26 8.00
N VAL A 386 23.26 51.63 6.76
CA VAL A 386 24.42 51.00 6.07
C VAL A 386 25.35 52.07 5.52
N ARG A 387 26.63 51.96 5.82
CA ARG A 387 27.64 52.80 5.26
C ARG A 387 28.42 51.99 4.22
N ASN A 388 28.57 52.50 3.00
CA ASN A 388 29.49 51.86 2.05
C ASN A 388 30.86 52.51 2.29
N VAL A 389 31.76 51.78 2.93
CA VAL A 389 33.01 52.33 3.37
C VAL A 389 34.05 52.33 2.23
N LYS A 390 34.12 51.25 1.46
CA LYS A 390 35.12 51.14 0.39
C LYS A 390 34.69 50.06 -0.60
N GLU A 391 34.83 50.33 -1.90
CA GLU A 391 34.65 49.32 -2.95
C GLU A 391 36.00 49.02 -3.61
N SER A 392 36.22 47.75 -3.93
CA SER A 392 37.46 47.25 -4.49
C SER A 392 37.10 46.34 -5.68
N ALA A 393 37.51 46.74 -6.87
CA ALA A 393 37.15 46.02 -8.11
C ALA A 393 38.26 45.02 -8.42
N ALA A 394 37.88 43.77 -8.58
CA ALA A 394 38.73 42.73 -9.10
C ALA A 394 38.21 42.34 -10.49
N HIS A 395 38.91 41.43 -11.14
CA HIS A 395 38.62 41.02 -12.52
C HIS A 395 37.15 40.56 -12.69
N ASP A 396 36.71 39.66 -11.80
CA ASP A 396 35.40 39.00 -11.90
C ASP A 396 34.39 39.47 -10.85
N TYR A 397 34.81 40.30 -9.90
CA TYR A 397 33.94 40.68 -8.84
C TYR A 397 34.37 42.02 -8.21
N THR A 398 33.45 42.57 -7.47
CA THR A 398 33.66 43.79 -6.69
C THR A 398 33.43 43.46 -5.22
N LEU A 399 34.27 43.98 -4.32
CA LEU A 399 34.07 43.79 -2.89
C LEU A 399 33.67 45.13 -2.27
N ARG A 400 32.54 45.12 -1.58
CA ARG A 400 32.05 46.30 -0.93
C ARG A 400 32.15 46.07 0.57
N GLU A 401 32.84 47.00 1.23
CA GLU A 401 32.96 46.97 2.69
C GLU A 401 31.82 47.80 3.27
N LEU A 402 30.82 47.14 3.84
CA LEU A 402 29.63 47.83 4.28
C LEU A 402 29.66 47.87 5.81
N LYS A 403 29.17 48.95 6.42
CA LYS A 403 29.00 48.98 7.88
C LYS A 403 27.51 49.09 8.20
N LEU A 404 27.00 48.07 8.87
CA LEU A 404 25.59 47.93 9.23
C LEU A 404 25.41 48.10 10.74
N SER A 405 24.43 48.91 11.10
CA SER A 405 24.06 49.22 12.48
C SER A 405 22.55 49.45 12.57
N LYS A 406 22.00 49.31 13.75
CA LYS A 406 20.61 49.65 13.99
C LYS A 406 20.56 51.14 14.40
N VAL A 407 19.66 51.88 13.74
CA VAL A 407 19.50 53.33 13.94
C VAL A 407 19.13 53.56 15.41
N GLY A 408 19.75 54.57 16.00
CA GLY A 408 19.51 54.92 17.40
C GLY A 408 20.21 54.01 18.39
N GLN A 409 20.99 53.04 17.93
CA GLN A 409 21.63 52.08 18.84
C GLN A 409 23.10 51.98 18.46
N GLY A 410 23.89 52.78 19.14
CA GLY A 410 25.33 52.65 19.08
C GLY A 410 25.77 51.32 19.68
N ASN A 411 26.99 50.92 19.32
CA ASN A 411 27.55 49.65 19.69
C ASN A 411 26.88 48.51 18.93
N THR A 412 26.01 48.74 17.92
CA THR A 412 25.48 47.66 17.14
C THR A 412 26.26 47.53 15.82
N GLU A 413 27.12 48.49 15.48
CA GLU A 413 27.80 48.49 14.18
C GLU A 413 28.58 47.18 13.97
N ARG A 414 28.43 46.56 12.80
CA ARG A 414 29.36 45.51 12.37
C ARG A 414 29.62 45.65 10.87
N THR A 415 30.78 45.15 10.47
CA THR A 415 31.15 45.20 9.07
C THR A 415 30.55 44.00 8.39
N VAL A 416 29.93 44.23 7.22
CA VAL A 416 29.42 43.16 6.39
C VAL A 416 30.13 43.24 5.04
N TRP A 417 30.77 42.16 4.61
CA TRP A 417 31.51 42.16 3.36
C TRP A 417 30.64 41.58 2.24
N GLN A 418 30.34 42.41 1.25
CA GLN A 418 29.50 41.97 0.12
C GLN A 418 30.40 41.65 -1.08
N TYR A 419 30.43 40.39 -1.43
CA TYR A 419 31.17 39.90 -2.57
C TYR A 419 30.20 39.76 -3.76
N HIS A 420 30.37 40.64 -4.72
CA HIS A 420 29.43 40.75 -5.87
C HIS A 420 30.13 40.27 -7.13
N PHE A 421 29.86 39.02 -7.50
CA PHE A 421 30.40 38.44 -8.73
C PHE A 421 29.63 39.00 -9.95
N ARG A 422 30.36 39.41 -10.98
CA ARG A 422 29.85 40.26 -12.08
C ARG A 422 29.94 39.60 -13.46
N THR A 423 30.71 38.53 -13.61
CA THR A 423 31.00 38.05 -14.94
C THR A 423 30.37 36.65 -15.16
N TRP A 424 29.47 36.16 -14.30
CA TRP A 424 28.76 34.92 -14.61
C TRP A 424 27.91 35.10 -15.88
N PRO A 425 27.84 34.08 -16.74
CA PRO A 425 27.08 34.30 -18.04
C PRO A 425 25.56 34.46 -17.82
N ASP A 426 24.90 35.21 -18.69
CA ASP A 426 23.45 35.40 -18.63
C ASP A 426 22.74 34.07 -18.54
N HIS A 427 23.17 33.11 -19.37
CA HIS A 427 22.63 31.76 -19.42
C HIS A 427 23.76 30.72 -19.31
N GLY A 428 23.46 29.58 -18.71
CA GLY A 428 24.45 28.50 -18.68
C GLY A 428 25.42 28.73 -17.54
N VAL A 429 26.64 28.19 -17.68
CA VAL A 429 27.72 28.24 -16.66
C VAL A 429 29.02 28.66 -17.35
N PRO A 430 30.03 29.09 -16.57
CA PRO A 430 31.40 29.32 -17.11
C PRO A 430 32.05 28.03 -17.63
N SER A 431 32.94 28.11 -18.62
CA SER A 431 33.56 26.86 -19.12
C SER A 431 34.89 26.60 -18.40
N ASP A 432 35.32 27.57 -17.60
CA ASP A 432 36.48 27.43 -16.72
C ASP A 432 36.05 27.89 -15.33
N PRO A 433 36.27 27.05 -14.29
CA PRO A 433 35.93 27.37 -12.89
C PRO A 433 36.97 28.18 -12.11
N GLY A 434 38.10 28.53 -12.74
CA GLY A 434 39.23 29.25 -12.07
C GLY A 434 38.79 30.53 -11.38
N GLY A 435 37.89 31.29 -12.02
CA GLY A 435 37.42 32.56 -11.47
C GLY A 435 36.47 32.38 -10.29
N VAL A 436 35.55 31.43 -10.39
CA VAL A 436 34.61 31.16 -9.29
C VAL A 436 35.43 30.66 -8.09
N LEU A 437 36.39 29.79 -8.35
CA LEU A 437 37.17 29.20 -7.25
C LEU A 437 37.98 30.26 -6.50
N ASP A 438 38.66 31.16 -7.21
CA ASP A 438 39.35 32.29 -6.61
C ASP A 438 38.44 33.16 -5.73
N PHE A 439 37.23 33.35 -6.22
CA PHE A 439 36.23 34.15 -5.57
C PHE A 439 35.75 33.43 -4.31
N LEU A 440 35.51 32.15 -4.44
CA LEU A 440 35.01 31.34 -3.36
C LEU A 440 36.06 31.24 -2.25
N GLU A 441 37.33 31.17 -2.62
CA GLU A 441 38.39 31.02 -1.63
C GLU A 441 38.48 32.30 -0.79
N GLU A 442 38.38 33.44 -1.46
CA GLU A 442 38.41 34.73 -0.83
C GLU A 442 37.18 34.94 0.07
N VAL A 443 35.99 34.51 -0.35
CA VAL A 443 34.76 34.58 0.50
C VAL A 443 34.94 33.69 1.74
N HIS A 444 35.56 32.53 1.57
CA HIS A 444 35.76 31.58 2.65
C HIS A 444 36.76 32.14 3.68
N HIS A 445 37.85 32.70 3.18
CA HIS A 445 38.87 33.31 4.07
C HIS A 445 38.23 34.47 4.86
N LYS A 446 37.41 35.28 4.21
CA LYS A 446 36.80 36.41 4.93
C LYS A 446 35.90 35.93 6.07
N GLN A 447 35.00 35.00 5.75
CA GLN A 447 34.09 34.42 6.77
C GLN A 447 34.89 33.83 7.95
N GLU A 448 35.97 33.11 7.67
CA GLU A 448 36.70 32.38 8.69
C GLU A 448 37.47 33.33 9.63
N SER A 449 37.79 34.52 9.12
CA SER A 449 38.56 35.53 9.81
C SER A 449 37.70 36.28 10.83
N ILE A 450 36.38 36.10 10.83
CA ILE A 450 35.51 36.87 11.73
C ILE A 450 34.96 35.99 12.85
N MET A 451 35.35 36.26 14.09
CA MET A 451 34.92 35.46 15.26
C MET A 451 33.39 35.50 15.35
N ASP A 452 32.77 34.34 15.53
CA ASP A 452 31.32 34.23 15.77
C ASP A 452 30.40 34.74 14.63
N ALA A 453 30.94 34.90 13.43
CA ALA A 453 30.12 35.32 12.29
C ALA A 453 28.96 34.35 12.11
N GLY A 454 27.82 34.84 11.68
CA GLY A 454 26.67 33.99 11.44
C GLY A 454 26.69 33.50 10.01
N PRO A 455 25.58 32.96 9.51
CA PRO A 455 25.65 32.34 8.19
C PRO A 455 26.01 33.29 7.04
N VAL A 456 26.61 32.75 5.97
CA VAL A 456 27.00 33.51 4.82
C VAL A 456 25.72 33.64 3.97
N VAL A 457 25.32 34.87 3.66
CA VAL A 457 24.14 35.04 2.83
C VAL A 457 24.54 34.92 1.36
N VAL A 458 23.82 34.10 0.61
CA VAL A 458 24.09 33.84 -0.83
C VAL A 458 22.76 34.09 -1.57
N HIS A 459 22.79 34.94 -2.62
CA HIS A 459 21.54 35.24 -3.35
C HIS A 459 21.80 35.42 -4.86
N CYS A 460 20.76 35.04 -5.64
CA CYS A 460 20.60 35.31 -7.06
C CYS A 460 19.13 35.68 -7.30
N SER A 461 18.76 35.85 -8.53
CA SER A 461 17.35 36.10 -8.87
C SER A 461 16.38 35.34 -7.94
N ALA A 462 16.11 34.07 -8.21
CA ALA A 462 15.17 33.31 -7.38
C ALA A 462 15.84 32.72 -6.12
N GLY A 463 17.16 32.68 -6.03
CA GLY A 463 17.88 32.08 -4.87
C GLY A 463 17.93 30.54 -4.83
N ILE A 464 17.88 29.90 -6.00
CA ILE A 464 17.91 28.45 -6.09
C ILE A 464 18.99 27.96 -7.06
N GLY A 465 19.27 28.66 -8.16
CA GLY A 465 20.14 28.03 -9.19
C GLY A 465 21.62 28.28 -8.98
N ARG A 466 22.02 29.51 -9.26
CA ARG A 466 23.37 29.97 -8.99
C ARG A 466 23.69 29.81 -7.50
N THR A 467 22.74 30.26 -6.69
CA THR A 467 22.85 30.23 -5.16
C THR A 467 23.12 28.81 -4.67
N GLY A 468 22.29 27.89 -5.15
CA GLY A 468 22.43 26.48 -4.84
C GLY A 468 23.75 25.91 -5.31
N THR A 469 24.14 26.24 -6.52
CA THR A 469 25.39 25.78 -7.06
C THR A 469 26.57 26.29 -6.21
N PHE A 470 26.64 27.58 -5.92
CA PHE A 470 27.71 28.13 -5.10
C PHE A 470 27.77 27.43 -3.72
N ILE A 471 26.63 27.29 -3.04
CA ILE A 471 26.64 26.70 -1.67
C ILE A 471 27.17 25.26 -1.71
N VAL A 472 26.69 24.46 -2.68
CA VAL A 472 27.14 23.07 -2.82
C VAL A 472 28.64 22.97 -3.10
N ILE A 473 29.18 23.78 -4.00
CA ILE A 473 30.61 23.74 -4.25
C ILE A 473 31.32 24.10 -2.93
N ASP A 474 30.79 25.11 -2.24
CA ASP A 474 31.46 25.54 -1.00
C ASP A 474 31.49 24.45 0.06
N ILE A 475 30.38 23.69 0.18
CA ILE A 475 30.27 22.59 1.17
C ILE A 475 31.22 21.45 0.80
N LEU A 476 31.20 21.05 -0.48
CA LEU A 476 32.10 19.97 -0.90
C LEU A 476 33.56 20.37 -0.69
N ILE A 477 33.87 21.64 -0.95
CA ILE A 477 35.28 22.04 -0.95
C ILE A 477 35.76 22.16 0.50
N ASP A 478 34.87 22.59 1.39
CA ASP A 478 35.21 22.63 2.84
C ASP A 478 35.62 21.28 3.42
N ILE A 479 34.99 20.21 2.94
CA ILE A 479 35.35 18.87 3.35
C ILE A 479 36.82 18.62 2.98
N ILE A 480 37.21 19.03 1.78
CA ILE A 480 38.59 18.80 1.31
C ILE A 480 39.55 19.80 2.00
N ARG A 481 39.08 20.99 2.37
CA ARG A 481 39.89 21.91 3.21
C ARG A 481 40.25 21.24 4.53
N GLU A 482 39.24 20.67 5.21
CA GLU A 482 39.43 20.05 6.52
C GLU A 482 40.11 18.68 6.43
N LYS A 483 39.62 17.77 5.59
CA LYS A 483 40.01 16.34 5.64
C LYS A 483 41.22 16.06 4.73
N GLY A 484 41.59 16.99 3.86
CA GLY A 484 42.65 16.74 2.88
C GLY A 484 42.12 16.03 1.64
N VAL A 485 43.01 15.66 0.73
CA VAL A 485 42.63 15.25 -0.63
C VAL A 485 42.11 13.80 -0.60
N ASP A 486 42.58 12.99 0.34
CA ASP A 486 42.09 11.61 0.50
C ASP A 486 40.87 11.53 1.43
N CYS A 487 39.73 12.03 0.96
CA CYS A 487 38.48 12.01 1.73
C CYS A 487 37.28 11.70 0.84
N ASP A 488 36.20 11.20 1.43
CA ASP A 488 35.00 10.82 0.69
C ASP A 488 34.04 11.98 0.42
N ILE A 489 33.74 12.18 -0.87
CA ILE A 489 32.69 13.11 -1.27
C ILE A 489 31.63 12.37 -2.12
N ASP A 490 30.46 12.99 -2.16
CA ASP A 490 29.27 12.42 -2.77
C ASP A 490 28.35 13.57 -3.18
N VAL A 491 28.49 13.93 -4.45
CA VAL A 491 27.94 15.17 -4.99
C VAL A 491 26.41 15.16 -4.97
N PRO A 492 25.75 14.10 -5.47
CA PRO A 492 24.30 14.11 -5.49
C PRO A 492 23.65 13.95 -4.10
N LYS A 493 24.30 13.21 -3.19
CA LYS A 493 23.89 13.15 -1.76
C LYS A 493 23.94 14.55 -1.14
N THR A 494 24.98 15.33 -1.43
CA THR A 494 25.09 16.68 -0.82
C THR A 494 24.00 17.59 -1.42
N ILE A 495 23.73 17.42 -2.71
CA ILE A 495 22.72 18.26 -3.36
C ILE A 495 21.32 17.92 -2.80
N GLN A 496 21.02 16.63 -2.57
CA GLN A 496 19.72 16.23 -1.99
C GLN A 496 19.55 16.82 -0.59
N MET A 497 20.60 16.80 0.20
CA MET A 497 20.56 17.33 1.55
C MET A 497 20.22 18.85 1.52
N VAL A 498 20.88 19.62 0.66
CA VAL A 498 20.59 21.07 0.55
C VAL A 498 19.20 21.29 -0.09
N ARG A 499 18.83 20.48 -1.11
CA ARG A 499 17.43 20.53 -1.65
C ARG A 499 16.35 20.19 -0.62
N SER A 500 16.65 19.46 0.47
CA SER A 500 15.65 19.26 1.54
C SER A 500 15.49 20.54 2.37
N GLN A 501 16.35 21.53 2.16
CA GLN A 501 16.30 22.76 2.96
C GLN A 501 15.92 23.97 2.10
N ARG A 502 16.00 23.89 0.78
CA ARG A 502 15.32 24.94 -0.02
C ARG A 502 15.01 24.32 -1.39
N SER A 503 13.83 24.61 -1.89
CA SER A 503 13.28 23.92 -3.06
C SER A 503 14.24 24.10 -4.23
N GLY A 504 14.58 23.02 -4.94
CA GLY A 504 15.24 23.09 -6.26
C GLY A 504 16.62 23.71 -6.22
N MET A 505 17.36 23.54 -5.11
CA MET A 505 18.75 23.99 -5.11
C MET A 505 19.60 23.19 -6.13
N VAL A 506 20.28 23.93 -7.01
CA VAL A 506 20.98 23.44 -8.20
C VAL A 506 19.93 23.07 -9.25
N GLN A 507 19.88 23.85 -10.32
CA GLN A 507 18.75 23.86 -11.26
C GLN A 507 18.95 22.93 -12.46
N THR A 508 20.17 22.83 -13.00
CA THR A 508 20.41 22.23 -14.29
C THR A 508 21.63 21.30 -14.27
N GLU A 509 21.61 20.37 -15.22
CA GLU A 509 22.73 19.45 -15.49
C GLU A 509 24.03 20.22 -15.74
N ALA A 510 23.93 21.39 -16.38
CA ALA A 510 25.11 22.22 -16.65
C ALA A 510 25.76 22.65 -15.33
N GLN A 511 24.92 23.02 -14.39
CA GLN A 511 25.39 23.40 -13.08
C GLN A 511 25.93 22.17 -12.36
N TYR A 512 25.30 21.02 -12.56
CA TYR A 512 25.72 19.79 -11.90
C TYR A 512 27.12 19.40 -12.36
N ARG A 513 27.37 19.46 -13.66
CA ARG A 513 28.68 19.21 -14.24
C ARG A 513 29.69 20.24 -13.71
N PHE A 514 29.26 21.50 -13.59
CA PHE A 514 30.14 22.57 -13.13
C PHE A 514 30.65 22.28 -11.70
N ILE A 515 29.78 21.75 -10.85
CA ILE A 515 30.15 21.38 -9.47
C ILE A 515 31.29 20.36 -9.53
N TYR A 516 31.16 19.38 -10.42
CA TYR A 516 32.18 18.38 -10.58
C TYR A 516 33.49 19.03 -11.07
N MET A 517 33.41 19.93 -12.04
CA MET A 517 34.61 20.52 -12.68
C MET A 517 35.32 21.47 -11.72
N ALA A 518 34.57 22.12 -10.83
CA ALA A 518 35.15 23.05 -9.88
C ALA A 518 35.97 22.30 -8.84
N VAL A 519 35.37 21.28 -8.22
CA VAL A 519 36.03 20.46 -7.17
C VAL A 519 37.32 19.91 -7.76
N GLN A 520 37.22 19.32 -8.94
CA GLN A 520 38.35 18.76 -9.71
C GLN A 520 39.49 19.78 -9.84
N HIS A 521 39.15 21.00 -10.24
CA HIS A 521 40.11 22.09 -10.45
C HIS A 521 40.71 22.51 -9.09
N TYR A 522 39.90 22.44 -8.05
CA TYR A 522 40.36 22.69 -6.68
C TYR A 522 41.38 21.62 -6.28
N ILE A 523 41.01 20.35 -6.31
CA ILE A 523 41.91 19.26 -5.95
C ILE A 523 43.17 19.28 -6.84
N GLU A 524 43.10 19.73 -8.10
CA GLU A 524 44.28 19.65 -8.99
C GLU A 524 45.31 20.72 -8.59
N THR A 525 44.85 21.88 -8.12
CA THR A 525 45.77 22.92 -7.64
C THR A 525 46.35 22.54 -6.27
N LEU A 526 45.62 21.72 -5.51
CA LEU A 526 46.04 21.34 -4.15
C LEU A 526 47.14 20.26 -4.23
N GLN A 527 47.00 19.30 -5.14
CA GLN A 527 48.00 18.24 -5.34
C GLN A 527 49.29 18.84 -5.91
N ARG A 528 49.21 20.07 -6.41
CA ARG A 528 50.35 20.76 -7.02
C ARG A 528 51.21 21.36 -5.92
N ARG A 529 50.68 22.36 -5.21
CA ARG A 529 51.40 23.08 -4.16
C ARG A 529 51.75 22.10 -3.02
N SER B 4 -6.36 -11.49 -0.23
CA SER B 4 -7.55 -11.17 -1.06
C SER B 4 -7.98 -12.39 -1.88
N ARG B 5 -9.05 -12.23 -2.66
CA ARG B 5 -9.69 -13.32 -3.40
C ARG B 5 -10.11 -12.83 -4.79
N ARG B 6 -9.21 -12.18 -5.50
CA ARG B 6 -9.53 -11.53 -6.79
C ARG B 6 -9.52 -12.56 -7.94
N TRP B 7 -8.95 -13.74 -7.67
CA TRP B 7 -8.80 -14.81 -8.68
C TRP B 7 -10.13 -15.54 -8.91
N PHE B 8 -11.15 -15.25 -8.11
CA PHE B 8 -12.47 -15.81 -8.33
C PHE B 8 -13.30 -14.83 -9.17
N HIS B 9 -13.79 -15.33 -10.32
CA HIS B 9 -14.62 -14.57 -11.31
C HIS B 9 -16.06 -15.13 -11.29
N PRO B 10 -16.98 -14.45 -10.57
CA PRO B 10 -18.27 -15.09 -10.31
C PRO B 10 -19.22 -15.18 -11.52
N ASN B 11 -18.98 -14.44 -12.60
CA ASN B 11 -20.00 -14.29 -13.67
C ASN B 11 -19.45 -14.68 -15.05
N ILE B 12 -18.25 -15.24 -15.11
CA ILE B 12 -17.56 -15.54 -16.34
C ILE B 12 -18.11 -16.89 -16.87
N THR B 13 -17.97 -17.15 -18.18
CA THR B 13 -18.16 -18.48 -18.77
C THR B 13 -16.81 -19.15 -19.07
N GLY B 14 -16.83 -20.46 -19.25
CA GLY B 14 -15.62 -21.20 -19.64
C GLY B 14 -14.83 -20.49 -20.73
N VAL B 15 -15.53 -20.08 -21.79
CA VAL B 15 -14.86 -19.56 -22.99
C VAL B 15 -14.27 -18.19 -22.66
N GLU B 16 -14.97 -17.41 -21.85
CA GLU B 16 -14.44 -16.15 -21.35
C GLU B 16 -13.26 -16.41 -20.40
N ALA B 17 -13.30 -17.51 -19.68
CA ALA B 17 -12.18 -17.87 -18.82
C ALA B 17 -10.94 -18.14 -19.68
N GLU B 18 -11.12 -18.91 -20.74
CA GLU B 18 -10.04 -19.35 -21.62
C GLU B 18 -9.34 -18.14 -22.26
N ASN B 19 -10.14 -17.26 -22.87
CA ASN B 19 -9.62 -16.07 -23.53
C ASN B 19 -8.96 -15.14 -22.51
N LEU B 20 -9.52 -15.06 -21.30
CA LEU B 20 -8.87 -14.23 -20.28
C LEU B 20 -7.44 -14.75 -20.05
N LEU B 21 -7.29 -16.06 -19.84
CA LEU B 21 -6.00 -16.65 -19.53
C LEU B 21 -5.03 -16.50 -20.71
N LEU B 22 -5.56 -16.55 -21.94
CA LEU B 22 -4.71 -16.52 -23.13
C LEU B 22 -4.25 -15.08 -23.40
N THR B 23 -5.13 -14.11 -23.22
CA THR B 23 -4.88 -12.71 -23.59
C THR B 23 -4.15 -11.97 -22.46
N ARG B 24 -4.62 -12.12 -21.22
CA ARG B 24 -4.07 -11.31 -20.11
C ARG B 24 -3.19 -12.16 -19.18
N GLY B 25 -3.07 -13.46 -19.44
CA GLY B 25 -2.30 -14.35 -18.58
C GLY B 25 -1.01 -14.83 -19.20
N VAL B 26 -0.25 -15.57 -18.38
CA VAL B 26 0.95 -16.32 -18.82
C VAL B 26 0.85 -17.75 -18.31
N ASP B 27 1.87 -18.54 -18.58
CA ASP B 27 1.93 -19.88 -18.03
C ASP B 27 2.03 -19.81 -16.50
N GLY B 28 1.09 -20.48 -15.84
CA GLY B 28 1.01 -20.44 -14.40
C GLY B 28 -0.19 -19.63 -13.91
N SER B 29 -0.79 -18.83 -14.79
CA SER B 29 -1.96 -18.01 -14.48
C SER B 29 -3.19 -18.89 -14.27
N PHE B 30 -4.02 -18.52 -13.30
CA PHE B 30 -5.17 -19.31 -12.93
C PHE B 30 -6.28 -18.42 -12.36
N LEU B 31 -7.51 -18.88 -12.59
CA LEU B 31 -8.67 -18.34 -11.94
C LEU B 31 -9.59 -19.49 -11.52
N ALA B 32 -10.53 -19.17 -10.64
CA ALA B 32 -11.60 -20.09 -10.32
C ALA B 32 -12.94 -19.42 -10.66
N ARG B 33 -13.97 -20.23 -10.84
CA ARG B 33 -15.27 -19.75 -11.37
C ARG B 33 -16.39 -20.75 -11.02
N PRO B 34 -17.61 -20.23 -10.90
CA PRO B 34 -18.76 -21.09 -10.74
C PRO B 34 -18.99 -21.88 -12.03
N SER B 35 -19.21 -23.17 -11.88
CA SER B 35 -19.49 -24.05 -13.00
C SER B 35 -20.90 -23.75 -13.51
N LYS B 36 -21.03 -23.73 -14.84
CA LYS B 36 -22.31 -23.50 -15.54
C LYS B 36 -22.88 -24.83 -16.05
N SER B 37 -22.01 -25.82 -16.25
CA SER B 37 -22.44 -27.17 -16.60
C SER B 37 -23.03 -27.88 -15.38
N ASN B 38 -22.46 -27.69 -14.20
CA ASN B 38 -22.95 -28.37 -12.97
C ASN B 38 -23.17 -27.33 -11.87
N PRO B 39 -24.33 -26.63 -11.91
CA PRO B 39 -24.59 -25.61 -10.89
C PRO B 39 -24.45 -26.25 -9.49
N GLY B 40 -23.81 -25.52 -8.59
CA GLY B 40 -23.45 -26.05 -7.27
C GLY B 40 -21.98 -26.43 -7.21
N ASP B 41 -21.24 -26.33 -8.32
CA ASP B 41 -19.83 -26.73 -8.39
C ASP B 41 -18.95 -25.64 -8.99
N PHE B 42 -17.65 -25.91 -9.16
CA PHE B 42 -16.67 -24.87 -9.46
C PHE B 42 -15.59 -25.42 -10.39
N THR B 43 -14.94 -24.51 -11.11
CA THR B 43 -13.90 -24.87 -12.03
C THR B 43 -12.64 -24.07 -11.68
N LEU B 44 -11.50 -24.77 -11.70
CA LEU B 44 -10.19 -24.17 -11.68
C LEU B 44 -9.65 -24.18 -13.12
N SER B 45 -9.42 -23.00 -13.69
CA SER B 45 -8.86 -22.90 -15.05
C SER B 45 -7.42 -22.41 -14.94
N VAL B 46 -6.55 -23.10 -15.64
CA VAL B 46 -5.12 -22.90 -15.45
C VAL B 46 -4.49 -22.85 -16.84
N ARG B 47 -3.65 -21.85 -17.12
CA ARG B 47 -2.89 -21.82 -18.37
C ARG B 47 -1.53 -22.51 -18.14
N ARG B 48 -1.21 -23.46 -19.03
CA ARG B 48 0.10 -24.10 -19.07
C ARG B 48 0.37 -24.58 -20.51
N ASN B 49 1.62 -24.41 -20.95
CA ASN B 49 2.08 -24.82 -22.29
C ASN B 49 1.40 -23.96 -23.36
N GLY B 50 0.88 -22.79 -23.01
CA GLY B 50 0.08 -21.97 -23.93
C GLY B 50 -1.29 -22.59 -24.21
N ALA B 51 -1.83 -23.34 -23.25
CA ALA B 51 -3.15 -24.00 -23.35
C ALA B 51 -3.88 -23.87 -22.00
N VAL B 52 -5.20 -23.96 -22.03
CA VAL B 52 -6.04 -23.86 -20.84
C VAL B 52 -6.54 -25.26 -20.45
N THR B 53 -6.29 -25.62 -19.20
CA THR B 53 -6.83 -26.81 -18.58
C THR B 53 -7.92 -26.36 -17.60
N HIS B 54 -9.04 -27.09 -17.57
CA HIS B 54 -10.14 -26.87 -16.64
C HIS B 54 -10.19 -28.06 -15.68
N ILE B 55 -10.12 -27.78 -14.38
CA ILE B 55 -10.17 -28.83 -13.39
C ILE B 55 -11.42 -28.63 -12.55
N LYS B 56 -12.24 -29.67 -12.44
CA LYS B 56 -13.51 -29.56 -11.74
C LYS B 56 -13.28 -29.54 -10.21
N ILE B 57 -14.08 -28.74 -9.52
CA ILE B 57 -14.19 -28.75 -8.06
C ILE B 57 -15.65 -29.01 -7.70
N GLN B 58 -15.87 -30.03 -6.89
CA GLN B 58 -17.20 -30.45 -6.52
C GLN B 58 -17.42 -30.16 -5.03
N ASN B 59 -18.63 -29.75 -4.68
CA ASN B 59 -19.02 -29.63 -3.30
C ASN B 59 -20.52 -29.92 -3.15
N THR B 60 -20.81 -31.10 -2.61
CA THR B 60 -22.20 -31.55 -2.33
C THR B 60 -22.59 -31.24 -0.87
N GLY B 61 -21.67 -30.65 -0.08
CA GLY B 61 -22.03 -30.19 1.26
C GLY B 61 -20.95 -30.43 2.31
N ASP B 62 -19.93 -31.23 2.06
CA ASP B 62 -18.98 -31.59 3.16
C ASP B 62 -17.63 -30.92 3.02
N TYR B 63 -17.24 -30.68 1.78
CA TYR B 63 -15.91 -30.20 1.43
C TYR B 63 -15.83 -29.92 -0.08
N TYR B 64 -14.79 -29.16 -0.42
CA TYR B 64 -14.42 -28.81 -1.78
C TYR B 64 -13.46 -29.89 -2.29
N ASP B 65 -13.92 -30.68 -3.24
CA ASP B 65 -13.20 -31.85 -3.69
C ASP B 65 -12.59 -31.57 -5.06
N LEU B 66 -11.29 -31.29 -5.09
CA LEU B 66 -10.60 -30.99 -6.36
C LEU B 66 -10.31 -32.29 -7.09
N TYR B 67 -10.90 -32.47 -8.27
CA TYR B 67 -10.68 -33.66 -9.08
C TYR B 67 -9.16 -33.81 -9.30
N GLY B 68 -8.63 -35.00 -9.02
CA GLY B 68 -7.19 -35.30 -9.17
C GLY B 68 -6.31 -34.60 -8.12
N GLY B 69 -6.91 -33.88 -7.19
CA GLY B 69 -6.18 -33.24 -6.09
C GLY B 69 -6.78 -33.61 -4.75
N GLU B 70 -6.87 -32.65 -3.85
CA GLU B 70 -7.24 -32.96 -2.47
C GLU B 70 -8.52 -32.20 -2.10
N LYS B 71 -8.96 -32.45 -0.86
CA LYS B 71 -10.19 -31.89 -0.30
C LYS B 71 -9.86 -30.74 0.65
N PHE B 72 -10.63 -29.67 0.53
CA PHE B 72 -10.31 -28.39 1.16
C PHE B 72 -11.56 -27.77 1.79
N ALA B 73 -11.36 -26.96 2.82
CA ALA B 73 -12.50 -26.41 3.56
C ALA B 73 -13.02 -25.15 2.88
N THR B 74 -12.18 -24.51 2.05
CA THR B 74 -12.54 -23.30 1.28
C THR B 74 -11.72 -23.23 -0.01
N LEU B 75 -12.23 -22.50 -0.99
CA LEU B 75 -11.43 -22.23 -2.20
C LEU B 75 -10.16 -21.44 -1.86
N ALA B 76 -10.21 -20.53 -0.90
CA ALA B 76 -9.02 -19.75 -0.56
C ALA B 76 -7.95 -20.67 0.06
N GLU B 77 -8.37 -21.63 0.88
CA GLU B 77 -7.42 -22.56 1.48
C GLU B 77 -6.80 -23.42 0.38
N LEU B 78 -7.64 -23.88 -0.55
CA LEU B 78 -7.18 -24.62 -1.75
C LEU B 78 -6.07 -23.85 -2.48
N VAL B 79 -6.34 -22.59 -2.78
CA VAL B 79 -5.40 -21.77 -3.56
C VAL B 79 -4.13 -21.50 -2.73
N GLN B 80 -4.29 -21.15 -1.45
CA GLN B 80 -3.13 -20.94 -0.59
C GLN B 80 -2.27 -22.20 -0.59
N TYR B 81 -2.91 -23.36 -0.49
CA TYR B 81 -2.22 -24.64 -0.38
C TYR B 81 -1.35 -24.90 -1.62
N TYR B 82 -1.85 -24.63 -2.82
CA TYR B 82 -1.11 -25.03 -4.05
C TYR B 82 -0.13 -23.93 -4.48
N MET B 83 -0.36 -22.68 -4.09
CA MET B 83 0.60 -21.63 -4.45
C MET B 83 1.89 -21.79 -3.63
N GLU B 84 1.85 -22.56 -2.54
CA GLU B 84 3.05 -22.89 -1.74
C GLU B 84 3.43 -24.37 -1.92
N HIS B 85 2.66 -25.11 -2.69
CA HIS B 85 2.93 -26.53 -2.94
C HIS B 85 3.05 -26.76 -4.45
N HIS B 86 4.23 -26.47 -5.00
CA HIS B 86 4.50 -26.72 -6.43
C HIS B 86 4.92 -28.19 -6.62
N GLY B 87 4.33 -28.84 -7.61
CA GLY B 87 4.45 -30.27 -7.79
C GLY B 87 3.20 -31.00 -7.34
N GLN B 88 2.48 -30.44 -6.35
CA GLN B 88 1.39 -31.15 -5.66
C GLN B 88 0.16 -31.27 -6.56
N LEU B 89 -0.25 -30.21 -7.27
CA LEU B 89 -1.37 -30.35 -8.20
C LEU B 89 -0.89 -31.05 -9.47
N LYS B 90 -1.28 -32.31 -9.60
CA LYS B 90 -1.04 -33.04 -10.83
C LYS B 90 -2.40 -33.31 -11.49
N GLU B 91 -2.37 -33.33 -12.82
CA GLU B 91 -3.49 -33.85 -13.58
C GLU B 91 -3.67 -35.33 -13.17
N LYS B 92 -4.79 -35.91 -13.56
CA LYS B 92 -5.08 -37.31 -13.24
C LYS B 92 -4.17 -38.26 -14.06
N ASN B 93 -3.23 -37.72 -14.86
CA ASN B 93 -2.14 -38.54 -15.44
C ASN B 93 -0.81 -38.23 -14.72
N GLY B 94 -0.87 -37.67 -13.51
CA GLY B 94 0.33 -37.39 -12.69
C GLY B 94 1.22 -36.31 -13.30
N ASP B 95 0.69 -35.50 -14.22
CA ASP B 95 1.47 -34.41 -14.82
C ASP B 95 1.20 -33.14 -14.02
N VAL B 96 2.27 -32.40 -13.72
CA VAL B 96 2.26 -31.34 -12.70
C VAL B 96 1.63 -30.07 -13.27
N ILE B 97 0.64 -29.55 -12.55
CA ILE B 97 -0.04 -28.30 -12.91
C ILE B 97 0.32 -27.24 -11.86
N GLU B 98 1.04 -26.19 -12.29
CA GLU B 98 1.50 -25.12 -11.38
C GLU B 98 0.48 -23.98 -11.35
N LEU B 99 0.14 -23.55 -10.13
CA LEU B 99 -0.72 -22.38 -9.83
C LEU B 99 0.17 -21.23 -9.38
N LYS B 100 0.47 -20.29 -10.27
CA LYS B 100 1.53 -19.32 -10.06
C LYS B 100 0.95 -17.91 -9.94
N TYR B 101 0.15 -17.49 -10.91
CA TYR B 101 -0.25 -16.09 -10.96
C TYR B 101 -1.79 -15.98 -10.95
N PRO B 102 -2.39 -15.56 -9.82
CA PRO B 102 -3.82 -15.32 -9.91
C PRO B 102 -4.18 -14.27 -10.98
N LEU B 103 -5.26 -14.51 -11.69
CA LEU B 103 -5.73 -13.59 -12.70
C LEU B 103 -6.96 -12.88 -12.12
N ASN B 104 -6.78 -11.60 -11.79
CA ASN B 104 -7.73 -10.84 -10.98
C ASN B 104 -8.99 -10.51 -11.80
N CYS B 105 -10.10 -10.49 -11.07
CA CYS B 105 -11.42 -10.14 -11.56
C CYS B 105 -11.72 -8.67 -11.25
N ALA B 106 -12.27 -7.94 -12.21
CA ALA B 106 -12.57 -6.52 -12.05
C ALA B 106 -14.04 -6.32 -11.70
N ASP B 107 -14.83 -7.38 -11.76
CA ASP B 107 -16.28 -7.33 -11.62
C ASP B 107 -16.68 -7.10 -10.14
N PRO B 108 -17.22 -5.90 -9.82
CA PRO B 108 -17.50 -5.51 -8.44
C PRO B 108 -18.67 -6.20 -7.72
N THR B 109 -19.45 -7.03 -8.41
CA THR B 109 -20.79 -7.47 -7.95
C THR B 109 -20.77 -8.15 -6.57
N SER B 110 -19.73 -8.90 -6.20
CA SER B 110 -19.73 -9.65 -4.92
C SER B 110 -19.03 -8.85 -3.81
N GLU B 111 -19.00 -7.53 -3.93
CA GLU B 111 -18.46 -6.69 -2.89
C GLU B 111 -19.62 -6.18 -2.04
N ARG B 112 -19.41 -6.14 -0.73
CA ARG B 112 -20.44 -5.71 0.20
C ARG B 112 -20.86 -4.25 -0.09
N TRP B 113 -19.91 -3.42 -0.51
CA TRP B 113 -20.13 -1.96 -0.66
C TRP B 113 -20.73 -1.64 -2.04
N PHE B 114 -20.95 -2.65 -2.87
CA PHE B 114 -21.47 -2.44 -4.20
C PHE B 114 -22.97 -2.76 -4.25
N HIS B 115 -23.76 -1.76 -4.65
CA HIS B 115 -25.23 -1.80 -4.63
C HIS B 115 -25.83 -1.51 -6.01
N GLY B 116 -25.06 -1.66 -7.09
CA GLY B 116 -25.56 -1.61 -8.49
C GLY B 116 -26.51 -0.45 -8.77
N HIS B 117 -27.62 -0.72 -9.43
CA HIS B 117 -28.61 0.35 -9.65
C HIS B 117 -29.28 0.68 -8.32
N LEU B 118 -29.36 1.99 -8.06
CA LEU B 118 -29.68 2.56 -6.76
C LEU B 118 -29.44 4.06 -6.89
N SER B 119 -30.50 4.86 -6.74
CA SER B 119 -30.40 6.29 -6.99
C SER B 119 -29.78 6.99 -5.78
N GLY B 120 -29.34 8.24 -5.99
CA GLY B 120 -28.83 9.07 -4.91
C GLY B 120 -29.84 9.21 -3.80
N LYS B 121 -31.13 9.22 -4.17
CA LYS B 121 -32.26 9.31 -3.23
C LYS B 121 -32.16 8.20 -2.18
N GLU B 122 -32.23 6.95 -2.63
CA GLU B 122 -32.28 5.81 -1.72
C GLU B 122 -30.91 5.59 -1.05
N ALA B 123 -29.82 5.99 -1.69
CA ALA B 123 -28.50 5.78 -1.11
C ALA B 123 -28.29 6.72 0.09
N GLU B 124 -28.86 7.93 0.03
CA GLU B 124 -28.74 8.91 1.12
C GLU B 124 -29.53 8.43 2.35
N LYS B 125 -30.74 7.89 2.16
CA LYS B 125 -31.58 7.48 3.31
C LYS B 125 -31.03 6.19 3.93
N LEU B 126 -30.57 5.25 3.11
CA LEU B 126 -29.92 4.04 3.62
C LEU B 126 -28.76 4.44 4.54
N LEU B 127 -28.04 5.51 4.19
CA LEU B 127 -26.93 5.96 5.02
C LEU B 127 -27.47 6.73 6.24
N THR B 128 -28.59 7.42 6.08
CA THR B 128 -29.23 8.12 7.20
C THR B 128 -29.87 7.11 8.17
N GLU B 129 -30.31 5.96 7.67
CA GLU B 129 -31.04 4.99 8.50
C GLU B 129 -30.08 3.91 9.03
N LYS B 130 -29.30 3.30 8.15
CA LYS B 130 -28.48 2.15 8.53
C LYS B 130 -27.03 2.57 8.79
N GLY B 131 -26.54 3.61 8.12
CA GLY B 131 -25.11 3.93 8.14
C GLY B 131 -24.70 4.68 9.39
N LYS B 132 -23.41 4.63 9.71
CA LYS B 132 -22.80 5.50 10.71
C LYS B 132 -21.54 6.14 10.08
N HIS B 133 -20.71 6.83 10.87
CA HIS B 133 -19.52 7.52 10.31
C HIS B 133 -18.66 6.52 9.54
N GLY B 134 -18.22 6.95 8.35
CA GLY B 134 -17.36 6.14 7.49
C GLY B 134 -18.14 5.07 6.76
N SER B 135 -19.47 5.00 6.91
CA SER B 135 -20.27 4.04 6.13
C SER B 135 -20.35 4.53 4.68
N PHE B 136 -19.97 3.67 3.73
CA PHE B 136 -19.89 4.05 2.33
C PHE B 136 -20.48 2.92 1.47
N LEU B 137 -20.91 3.29 0.27
CA LEU B 137 -21.37 2.36 -0.77
C LEU B 137 -20.92 2.91 -2.13
N VAL B 138 -20.99 2.05 -3.15
CA VAL B 138 -20.76 2.44 -4.53
C VAL B 138 -21.99 2.03 -5.34
N ARG B 139 -22.52 2.96 -6.13
CA ARG B 139 -23.71 2.73 -6.96
C ARG B 139 -23.43 3.18 -8.38
N GLU B 140 -24.24 2.71 -9.33
CA GLU B 140 -24.13 3.22 -10.71
C GLU B 140 -24.69 4.64 -10.77
N SER B 141 -24.20 5.43 -11.73
CA SER B 141 -24.61 6.83 -11.88
C SER B 141 -25.98 6.88 -12.57
N GLN B 142 -26.84 7.78 -12.07
CA GLN B 142 -28.17 8.03 -12.65
C GLN B 142 -28.02 8.92 -13.89
N SER B 143 -27.17 9.94 -13.78
CA SER B 143 -27.02 10.95 -14.83
C SER B 143 -26.07 10.46 -15.93
N HIS B 144 -24.87 10.02 -15.55
CA HIS B 144 -23.82 9.65 -16.50
C HIS B 144 -23.71 8.13 -16.59
N PRO B 145 -24.35 7.50 -17.59
CA PRO B 145 -24.48 6.03 -17.58
C PRO B 145 -23.17 5.34 -17.95
N GLY B 146 -22.77 4.35 -17.15
CA GLY B 146 -21.46 3.72 -17.30
C GLY B 146 -20.49 4.23 -16.25
N ASP B 147 -20.75 5.42 -15.70
CA ASP B 147 -20.01 5.92 -14.54
C ASP B 147 -20.60 5.39 -13.21
N PHE B 148 -20.01 5.80 -12.08
CA PHE B 148 -20.43 5.30 -10.76
C PHE B 148 -20.31 6.44 -9.75
N VAL B 149 -20.87 6.22 -8.55
CA VAL B 149 -20.86 7.20 -7.49
C VAL B 149 -20.45 6.50 -6.18
N LEU B 150 -19.58 7.17 -5.41
CA LEU B 150 -19.21 6.75 -4.07
C LEU B 150 -19.93 7.67 -3.07
N SER B 151 -20.77 7.08 -2.24
CA SER B 151 -21.51 7.82 -1.22
C SER B 151 -20.95 7.48 0.17
N VAL B 152 -20.47 8.51 0.86
CA VAL B 152 -19.77 8.35 2.13
C VAL B 152 -20.51 9.18 3.19
N ARG B 153 -20.78 8.57 4.34
CA ARG B 153 -21.39 9.27 5.47
C ARG B 153 -20.29 9.59 6.49
N THR B 154 -20.20 10.85 6.90
CA THR B 154 -19.25 11.27 7.93
C THR B 154 -19.98 12.13 8.96
N GLY B 155 -19.64 11.93 10.24
CA GLY B 155 -20.21 12.72 11.34
C GLY B 155 -19.98 12.07 12.70
N SER B 161 -31.59 10.94 15.83
CA SER B 161 -31.03 12.28 15.90
C SER B 161 -30.55 12.71 14.51
N ASN B 162 -31.20 13.73 13.95
CA ASN B 162 -30.84 14.31 12.65
C ASN B 162 -30.74 15.82 12.79
N ASP B 163 -29.56 16.33 13.13
CA ASP B 163 -29.36 17.74 13.45
C ASP B 163 -28.07 18.38 12.93
N GLY B 164 -27.48 17.81 11.87
CA GLY B 164 -26.45 18.51 11.08
C GLY B 164 -25.03 18.13 11.46
N LYS B 165 -24.89 17.16 12.35
CA LYS B 165 -23.55 16.70 12.77
C LYS B 165 -23.06 15.59 11.82
N SER B 166 -23.97 14.96 11.08
CA SER B 166 -23.58 13.98 10.09
C SER B 166 -24.06 14.44 8.70
N LYS B 167 -23.41 13.94 7.66
CA LYS B 167 -23.72 14.33 6.28
C LYS B 167 -23.30 13.20 5.33
N VAL B 168 -23.79 13.27 4.09
CA VAL B 168 -23.42 12.30 3.06
C VAL B 168 -22.67 13.03 1.94
N THR B 169 -21.43 12.63 1.70
CA THR B 169 -20.66 13.15 0.56
C THR B 169 -20.87 12.21 -0.64
N HIS B 170 -21.04 12.78 -1.83
CA HIS B 170 -21.11 12.00 -3.07
C HIS B 170 -19.86 12.29 -3.92
N VAL B 171 -19.20 11.24 -4.39
CA VAL B 171 -18.00 11.42 -5.20
C VAL B 171 -18.18 10.64 -6.50
N MET B 172 -18.15 11.37 -7.63
CA MET B 172 -18.32 10.78 -8.95
C MET B 172 -17.08 9.95 -9.30
N ILE B 173 -17.31 8.76 -9.82
CA ILE B 173 -16.24 7.89 -10.33
C ILE B 173 -16.44 7.77 -11.83
N ARG B 174 -15.47 8.27 -12.59
CA ARG B 174 -15.52 8.17 -14.03
C ARG B 174 -15.05 6.78 -14.43
N CYS B 175 -15.74 6.21 -15.41
CA CYS B 175 -15.24 5.06 -16.15
C CYS B 175 -14.75 5.56 -17.52
N GLN B 176 -13.44 5.54 -17.73
CA GLN B 176 -12.84 6.06 -18.97
C GLN B 176 -11.90 5.00 -19.55
N GLU B 177 -12.32 4.37 -20.63
CA GLU B 177 -11.56 3.31 -21.28
C GLU B 177 -11.26 2.20 -20.26
N LEU B 178 -12.34 1.75 -19.63
CA LEU B 178 -12.35 0.63 -18.68
C LEU B 178 -11.35 0.83 -17.51
N LYS B 179 -11.06 2.08 -17.20
CA LYS B 179 -10.32 2.42 -15.98
C LYS B 179 -11.21 3.37 -15.16
N TYR B 180 -11.03 3.39 -13.85
CA TYR B 180 -11.88 4.20 -12.97
C TYR B 180 -11.03 5.26 -12.28
N ASP B 181 -11.61 6.45 -12.11
CA ASP B 181 -10.94 7.54 -11.41
C ASP B 181 -11.97 8.49 -10.79
N VAL B 182 -11.51 9.37 -9.91
CA VAL B 182 -12.39 10.34 -9.24
C VAL B 182 -12.13 11.76 -9.77
N GLY B 183 -11.76 11.88 -11.04
CA GLY B 183 -11.59 13.19 -11.65
C GLY B 183 -10.13 13.56 -11.82
N GLY B 184 -9.25 12.95 -11.04
CA GLY B 184 -7.81 13.20 -11.14
C GLY B 184 -7.00 12.10 -10.48
N GLY B 185 -5.69 12.18 -10.64
CA GLY B 185 -4.77 11.24 -10.00
C GLY B 185 -4.67 9.93 -10.77
N GLU B 186 -4.64 8.82 -10.01
CA GLU B 186 -4.38 7.48 -10.53
C GLU B 186 -5.62 6.96 -11.27
N ARG B 187 -5.40 6.04 -12.20
CA ARG B 187 -6.50 5.35 -12.90
C ARG B 187 -6.42 3.85 -12.59
N PHE B 188 -7.52 3.30 -12.08
CA PHE B 188 -7.54 1.96 -11.52
C PHE B 188 -8.21 0.99 -12.50
N ASP B 189 -7.72 -0.23 -12.47
CA ASP B 189 -8.27 -1.30 -13.31
C ASP B 189 -9.68 -1.77 -12.91
N SER B 190 -10.10 -1.45 -11.69
CA SER B 190 -11.36 -1.95 -11.16
C SER B 190 -11.83 -1.01 -10.04
N LEU B 191 -13.12 -1.06 -9.73
CA LEU B 191 -13.68 -0.30 -8.60
C LEU B 191 -13.09 -0.80 -7.27
N THR B 192 -12.77 -2.09 -7.21
CA THR B 192 -12.14 -2.67 -6.03
C THR B 192 -10.78 -2.02 -5.77
N ASP B 193 -9.96 -1.87 -6.80
CA ASP B 193 -8.64 -1.23 -6.69
C ASP B 193 -8.75 0.24 -6.26
N LEU B 194 -9.70 0.98 -6.84
CA LEU B 194 -9.97 2.38 -6.48
C LEU B 194 -10.42 2.48 -5.02
N VAL B 195 -11.36 1.65 -4.61
CA VAL B 195 -11.89 1.68 -3.23
C VAL B 195 -10.77 1.29 -2.24
N GLU B 196 -9.99 0.27 -2.59
CA GLU B 196 -8.92 -0.19 -1.71
C GLU B 196 -7.89 0.93 -1.47
N HIS B 197 -7.54 1.63 -2.55
CA HIS B 197 -6.59 2.73 -2.48
C HIS B 197 -7.15 3.86 -1.61
N TYR B 198 -8.41 4.25 -1.82
CA TYR B 198 -8.98 5.41 -1.11
C TYR B 198 -9.40 5.01 0.31
N LYS B 199 -9.34 3.72 0.62
CA LYS B 199 -9.50 3.24 2.00
C LYS B 199 -8.21 3.47 2.80
N LYS B 200 -7.04 3.42 2.14
CA LYS B 200 -5.72 3.64 2.77
C LYS B 200 -5.24 5.08 2.56
N ASN B 201 -5.66 5.70 1.46
CA ASN B 201 -5.32 7.08 1.15
C ASN B 201 -6.62 7.87 1.01
N PRO B 202 -7.34 8.09 2.12
CA PRO B 202 -8.63 8.78 2.05
C PRO B 202 -8.55 10.18 1.41
N MET B 203 -9.61 10.52 0.68
CA MET B 203 -9.74 11.83 0.07
C MET B 203 -10.05 12.83 1.17
N VAL B 204 -9.65 14.08 0.93
CA VAL B 204 -9.91 15.19 1.85
C VAL B 204 -10.71 16.24 1.09
N GLU B 205 -11.77 16.76 1.71
CA GLU B 205 -12.52 17.88 1.14
C GLU B 205 -11.69 19.16 1.29
N THR B 206 -12.12 20.22 0.62
CA THR B 206 -11.33 21.47 0.59
C THR B 206 -11.22 22.03 2.02
N LEU B 207 -12.33 22.09 2.75
CA LEU B 207 -12.34 22.67 4.09
C LEU B 207 -11.89 21.62 5.12
N GLY B 208 -11.66 20.38 4.69
CA GLY B 208 -10.76 19.46 5.39
C GLY B 208 -11.46 18.27 6.03
N THR B 209 -12.68 17.93 5.59
CA THR B 209 -13.30 16.68 6.00
C THR B 209 -12.60 15.51 5.29
N VAL B 210 -12.27 14.49 6.06
CA VAL B 210 -11.68 13.27 5.53
C VAL B 210 -12.83 12.32 5.18
N LEU B 211 -12.82 11.79 3.96
CA LEU B 211 -13.85 10.84 3.53
C LEU B 211 -13.36 9.41 3.76
N GLN B 212 -13.35 9.01 5.04
CA GLN B 212 -12.88 7.69 5.48
C GLN B 212 -13.89 6.61 5.04
N LEU B 213 -13.39 5.58 4.37
CA LEU B 213 -14.19 4.44 3.99
C LEU B 213 -13.93 3.31 4.99
N LYS B 214 -14.68 3.36 6.09
CA LYS B 214 -14.38 2.53 7.25
C LYS B 214 -15.14 1.19 7.17
N GLN B 215 -16.39 1.20 6.71
CA GLN B 215 -17.18 -0.04 6.66
C GLN B 215 -18.32 0.09 5.64
N PRO B 216 -18.62 -1.02 4.93
CA PRO B 216 -19.69 -1.01 3.96
C PRO B 216 -21.04 -0.89 4.66
N LEU B 217 -22.07 -0.65 3.87
CA LEU B 217 -23.38 -0.49 4.44
C LEU B 217 -24.04 -1.87 4.55
N ASN B 218 -24.65 -2.12 5.69
CA ASN B 218 -25.23 -3.41 6.02
C ASN B 218 -26.63 -3.52 5.39
N THR B 219 -26.84 -4.57 4.59
CA THR B 219 -28.10 -4.84 3.89
C THR B 219 -28.66 -6.23 4.25
N THR B 220 -27.92 -7.01 5.04
CA THR B 220 -28.25 -8.42 5.26
C THR B 220 -28.96 -8.59 6.61
N ARG B 221 -28.79 -7.62 7.50
CA ARG B 221 -29.47 -7.60 8.79
C ARG B 221 -30.97 -7.34 8.56
N ILE B 222 -31.80 -8.21 9.11
CA ILE B 222 -33.25 -8.09 8.98
C ILE B 222 -33.87 -8.27 10.37
N ASN B 223 -35.12 -7.87 10.47
CA ASN B 223 -35.94 -8.12 11.63
C ASN B 223 -36.51 -9.53 11.47
N ALA B 224 -36.48 -10.38 12.48
CA ALA B 224 -36.83 -11.78 12.23
C ALA B 224 -38.30 -11.88 11.81
N ALA B 225 -39.13 -10.95 12.29
CA ALA B 225 -40.55 -10.85 11.92
C ALA B 225 -40.73 -10.94 10.40
N GLU B 226 -39.88 -10.22 9.68
CA GLU B 226 -40.05 -9.99 8.25
C GLU B 226 -39.24 -11.00 7.44
N ILE B 227 -38.99 -12.22 7.98
CA ILE B 227 -38.19 -13.24 7.30
C ILE B 227 -38.86 -13.62 5.98
N GLU B 228 -40.18 -13.79 5.99
CA GLU B 228 -40.92 -14.17 4.77
C GLU B 228 -40.61 -13.18 3.64
N SER B 229 -40.58 -11.88 3.96
CA SER B 229 -40.30 -10.81 2.98
C SER B 229 -38.88 -10.91 2.40
N ARG B 230 -37.87 -11.17 3.23
CA ARG B 230 -36.50 -11.23 2.70
C ARG B 230 -36.33 -12.53 1.90
N VAL B 231 -36.91 -13.64 2.36
CA VAL B 231 -36.83 -14.93 1.65
C VAL B 231 -37.47 -14.78 0.26
N ARG B 232 -38.57 -14.04 0.19
CA ARG B 232 -39.26 -13.78 -1.09
C ARG B 232 -38.32 -13.02 -2.04
N GLU B 233 -37.81 -11.87 -1.58
CA GLU B 233 -36.82 -11.05 -2.32
C GLU B 233 -35.63 -11.92 -2.79
N LEU B 234 -35.14 -12.83 -1.96
CA LEU B 234 -33.92 -13.62 -2.27
C LEU B 234 -34.27 -14.82 -3.16
N SER B 235 -35.56 -15.10 -3.34
CA SER B 235 -35.98 -16.29 -4.08
C SER B 235 -36.15 -15.97 -5.58
N LYS B 236 -36.03 -14.70 -5.97
CA LYS B 236 -35.94 -14.30 -7.40
C LYS B 236 -35.13 -13.01 -7.53
N GLY B 247 -30.66 -12.50 -5.29
CA GLY B 247 -30.79 -13.95 -5.12
C GLY B 247 -29.99 -14.46 -3.92
N PHE B 248 -30.37 -15.63 -3.42
CA PHE B 248 -29.57 -16.34 -2.43
C PHE B 248 -28.16 -16.57 -2.99
N TRP B 249 -28.06 -16.70 -4.31
CA TRP B 249 -26.77 -16.96 -4.94
C TRP B 249 -25.82 -15.79 -4.68
N GLU B 250 -26.26 -14.56 -4.94
CA GLU B 250 -25.39 -13.36 -4.85
C GLU B 250 -25.02 -13.05 -3.39
N GLU B 251 -25.94 -13.27 -2.45
CA GLU B 251 -25.66 -13.00 -1.04
C GLU B 251 -24.57 -13.96 -0.57
N PHE B 252 -24.71 -15.23 -0.98
CA PHE B 252 -23.75 -16.27 -0.62
C PHE B 252 -22.36 -15.92 -1.16
N GLU B 253 -22.28 -15.54 -2.43
CA GLU B 253 -20.99 -15.29 -3.07
C GLU B 253 -20.32 -14.08 -2.40
N THR B 254 -21.10 -13.05 -2.07
CA THR B 254 -20.60 -11.86 -1.34
C THR B 254 -19.89 -12.29 -0.05
N LEU B 255 -20.56 -13.19 0.69
CA LEU B 255 -20.01 -13.78 1.88
C LEU B 255 -18.77 -14.62 1.57
N GLN B 256 -18.81 -15.43 0.52
CA GLN B 256 -17.61 -16.24 0.23
C GLN B 256 -16.40 -15.33 -0.04
N GLN B 257 -16.60 -14.13 -0.59
CA GLN B 257 -15.47 -13.26 -0.94
C GLN B 257 -14.70 -12.85 0.32
N GLN B 258 -15.41 -12.84 1.44
CA GLN B 258 -14.81 -12.42 2.69
C GLN B 258 -13.96 -13.54 3.30
N GLU B 259 -13.99 -14.75 2.75
CA GLU B 259 -13.33 -15.91 3.37
C GLU B 259 -11.80 -15.76 3.35
N CYS B 260 -11.30 -14.94 2.41
CA CYS B 260 -9.87 -14.63 2.26
C CYS B 260 -9.31 -13.94 3.51
N LYS B 261 -10.17 -13.34 4.30
CA LYS B 261 -9.73 -12.73 5.56
C LYS B 261 -9.54 -13.80 6.64
N LEU B 262 -9.87 -15.09 6.39
CA LEU B 262 -9.94 -16.12 7.43
C LEU B 262 -8.83 -17.17 7.28
N LEU B 263 -7.72 -16.81 6.65
CA LEU B 263 -6.64 -17.77 6.51
C LEU B 263 -5.74 -17.77 7.75
N TYR B 264 -6.30 -18.19 8.88
CA TYR B 264 -5.55 -18.22 10.16
C TYR B 264 -4.70 -19.48 10.20
N SER B 265 -3.68 -19.47 11.05
CA SER B 265 -2.73 -20.56 11.05
C SER B 265 -3.42 -21.85 11.54
N ARG B 266 -2.94 -22.99 11.04
CA ARG B 266 -3.42 -24.32 11.43
C ARG B 266 -2.19 -25.22 11.66
N LYS B 267 -1.14 -24.63 12.23
CA LYS B 267 0.17 -25.27 12.27
C LYS B 267 0.15 -26.55 13.11
N GLU B 268 -0.63 -26.60 14.22
CA GLU B 268 -0.64 -27.80 15.07
C GLU B 268 -1.21 -29.00 14.30
N GLY B 269 -2.25 -28.78 13.49
CA GLY B 269 -2.82 -29.85 12.69
C GLY B 269 -1.91 -30.29 11.55
N GLN B 270 -1.01 -29.43 11.10
CA GLN B 270 -0.05 -29.75 10.03
C GLN B 270 1.17 -30.52 10.56
N ARG B 271 1.29 -30.77 11.88
CA ARG B 271 2.49 -31.49 12.40
C ARG B 271 2.43 -32.98 12.02
N GLN B 272 3.60 -33.53 11.70
CA GLN B 272 3.77 -34.95 11.29
C GLN B 272 3.13 -35.87 12.35
N GLU B 273 3.34 -35.55 13.61
CA GLU B 273 2.79 -36.34 14.71
C GLU B 273 1.26 -36.37 14.66
N ASN B 274 0.63 -35.34 14.09
CA ASN B 274 -0.84 -35.21 14.06
C ASN B 274 -1.44 -35.64 12.71
N LYS B 275 -0.59 -35.88 11.71
CA LYS B 275 -1.05 -36.17 10.34
C LYS B 275 -2.19 -37.21 10.35
N ASN B 276 -2.06 -38.34 11.06
CA ASN B 276 -2.99 -39.47 10.92
C ASN B 276 -4.17 -39.36 11.89
N LYS B 277 -4.40 -38.19 12.49
CA LYS B 277 -5.58 -37.91 13.31
C LYS B 277 -6.55 -36.99 12.57
N ASN B 278 -6.23 -36.64 11.33
CA ASN B 278 -7.11 -35.81 10.53
C ASN B 278 -7.84 -36.71 9.52
N ARG B 279 -9.15 -36.60 9.40
CA ARG B 279 -9.88 -37.42 8.41
C ARG B 279 -9.43 -37.01 7.00
N TYR B 280 -9.32 -35.71 6.81
CA TYR B 280 -8.87 -35.10 5.56
C TYR B 280 -7.63 -34.23 5.85
N LYS B 281 -6.55 -34.51 5.14
CA LYS B 281 -5.21 -34.00 5.46
C LYS B 281 -5.20 -32.46 5.52
N ASN B 282 -5.96 -31.77 4.66
CA ASN B 282 -5.89 -30.30 4.58
C ASN B 282 -7.12 -29.64 5.21
N ILE B 283 -8.00 -30.40 5.83
CA ILE B 283 -9.06 -29.76 6.61
C ILE B 283 -8.65 -29.83 8.07
N LEU B 284 -8.24 -28.67 8.58
CA LEU B 284 -7.53 -28.61 9.88
C LEU B 284 -8.15 -27.52 10.76
N PRO B 285 -8.04 -27.70 12.08
CA PRO B 285 -8.58 -26.74 13.02
C PRO B 285 -7.61 -25.55 13.16
N PHE B 286 -8.16 -24.35 13.28
CA PHE B 286 -7.32 -23.18 13.55
C PHE B 286 -6.66 -23.32 14.90
N ASP B 287 -5.38 -23.00 14.94
CA ASP B 287 -4.63 -23.01 16.20
C ASP B 287 -5.35 -22.27 17.32
N HIS B 288 -5.91 -21.11 17.02
CA HIS B 288 -6.35 -20.19 18.10
C HIS B 288 -7.68 -20.66 18.71
N THR B 289 -8.41 -21.59 18.08
CA THR B 289 -9.66 -22.08 18.67
C THR B 289 -9.65 -23.61 18.90
N ARG B 290 -8.55 -24.31 18.66
CA ARG B 290 -8.57 -25.77 18.66
C ARG B 290 -8.84 -26.27 20.08
N VAL B 291 -9.50 -27.42 20.22
CA VAL B 291 -9.59 -28.04 21.53
C VAL B 291 -8.22 -28.63 21.86
N VAL B 292 -7.64 -28.19 22.99
CA VAL B 292 -6.34 -28.68 23.48
C VAL B 292 -6.59 -29.73 24.59
N LEU B 293 -6.11 -30.96 24.37
CA LEU B 293 -6.39 -32.06 25.27
C LEU B 293 -5.24 -32.17 26.29
N HIS B 294 -5.57 -32.09 27.56
CA HIS B 294 -4.55 -32.15 28.61
C HIS B 294 -4.63 -33.51 29.31
N ASP B 295 -3.72 -33.73 30.25
CA ASP B 295 -3.65 -35.01 31.02
C ASP B 295 -3.38 -36.22 30.11
N GLY B 296 -2.57 -36.01 29.07
CA GLY B 296 -2.31 -37.06 28.08
C GLY B 296 -1.29 -38.07 28.59
N ASP B 297 -1.06 -39.09 27.76
CA ASP B 297 -0.05 -40.09 28.03
C ASP B 297 1.31 -39.59 27.49
N PRO B 298 2.35 -39.50 28.34
CA PRO B 298 3.73 -39.15 27.95
C PRO B 298 4.25 -39.81 26.66
N ASN B 299 3.84 -41.04 26.37
CA ASN B 299 4.25 -41.75 25.14
C ASN B 299 4.01 -40.85 23.92
N VAL B 302 2.80 -36.63 20.74
CA VAL B 302 1.77 -35.60 20.85
C VAL B 302 0.48 -36.25 21.36
N SER B 303 0.01 -35.81 22.53
CA SER B 303 -1.23 -36.31 23.14
C SER B 303 -2.28 -35.20 23.27
N ASP B 304 -1.98 -33.98 22.79
CA ASP B 304 -2.83 -32.78 22.99
C ASP B 304 -3.77 -32.40 21.82
N TYR B 305 -3.72 -33.14 20.71
CA TYR B 305 -4.37 -32.73 19.47
C TYR B 305 -5.61 -33.58 19.17
N ILE B 306 -6.66 -32.87 18.79
CA ILE B 306 -7.83 -33.45 18.14
C ILE B 306 -8.31 -32.46 17.06
N ASN B 307 -8.82 -32.99 15.97
CA ASN B 307 -9.37 -32.13 14.92
C ASN B 307 -10.75 -31.61 15.37
N ALA B 308 -10.72 -30.56 16.19
CA ALA B 308 -11.93 -29.99 16.81
C ALA B 308 -11.68 -28.51 17.14
N ASN B 309 -12.71 -27.65 17.05
CA ASN B 309 -12.65 -26.26 17.51
C ASN B 309 -13.86 -25.91 18.38
N ILE B 310 -13.60 -25.04 19.34
CA ILE B 310 -14.59 -24.37 20.11
C ILE B 310 -15.19 -23.26 19.26
N ILE B 311 -16.51 -23.22 19.22
CA ILE B 311 -17.29 -22.19 18.59
C ILE B 311 -18.07 -21.44 19.69
N MET B 312 -17.71 -20.18 19.92
CA MET B 312 -18.39 -19.27 20.84
C MET B 312 -19.08 -18.20 19.99
N PRO B 313 -20.44 -18.12 20.04
CA PRO B 313 -21.16 -17.00 19.41
C PRO B 313 -20.70 -15.68 20.07
N GLU B 314 -20.37 -14.67 19.26
CA GLU B 314 -19.99 -13.33 19.77
C GLU B 314 -20.63 -12.27 18.87
N LYS B 325 -24.30 -17.72 26.06
CA LYS B 325 -23.83 -18.62 27.11
C LYS B 325 -23.51 -19.99 26.51
N LYS B 326 -24.40 -20.50 25.65
CA LYS B 326 -24.21 -21.84 25.04
C LYS B 326 -23.07 -21.82 24.03
N SER B 327 -22.15 -22.77 24.14
CA SER B 327 -21.09 -22.88 23.15
C SER B 327 -21.13 -24.28 22.55
N TYR B 328 -20.30 -24.45 21.50
CA TYR B 328 -20.21 -25.66 20.73
C TYR B 328 -18.75 -26.10 20.57
N ILE B 329 -18.57 -27.39 20.31
CA ILE B 329 -17.37 -27.88 19.71
C ILE B 329 -17.73 -28.49 18.36
N ALA B 330 -17.14 -27.99 17.28
CA ALA B 330 -17.35 -28.55 15.99
C ALA B 330 -16.18 -29.49 15.70
N THR B 331 -16.46 -30.73 15.33
CA THR B 331 -15.39 -31.71 15.13
C THR B 331 -15.75 -32.64 13.98
N GLN B 332 -14.73 -33.35 13.51
CA GLN B 332 -14.88 -34.34 12.49
C GLN B 332 -15.45 -35.61 13.12
N GLY B 333 -15.92 -36.51 12.26
CA GLY B 333 -16.18 -37.89 12.64
C GLY B 333 -14.88 -38.61 13.00
N CYS B 334 -14.96 -39.42 14.06
CA CYS B 334 -13.80 -40.14 14.60
C CYS B 334 -13.21 -41.10 13.57
N LEU B 335 -11.91 -41.30 13.69
CA LEU B 335 -11.25 -42.40 13.04
C LEU B 335 -11.09 -43.47 14.11
N GLN B 336 -10.77 -44.70 13.72
CA GLN B 336 -10.51 -45.76 14.69
C GLN B 336 -9.48 -45.26 15.71
N ASN B 337 -8.48 -44.52 15.25
CA ASN B 337 -7.34 -44.12 16.08
C ASN B 337 -7.62 -42.79 16.81
N THR B 338 -8.80 -42.17 16.65
CA THR B 338 -9.08 -40.94 17.43
C THR B 338 -10.25 -41.12 18.40
N VAL B 339 -10.89 -42.30 18.45
CA VAL B 339 -12.05 -42.56 19.35
C VAL B 339 -11.68 -42.28 20.82
N ASN B 340 -10.49 -42.72 21.24
CA ASN B 340 -10.03 -42.50 22.63
C ASN B 340 -9.95 -40.99 22.88
N ASP B 341 -9.35 -40.23 21.95
CA ASP B 341 -9.18 -38.79 22.06
C ASP B 341 -10.52 -38.03 22.04
N PHE B 342 -11.48 -38.46 21.21
CA PHE B 342 -12.81 -37.92 21.21
C PHE B 342 -13.42 -38.00 22.62
N TRP B 343 -13.30 -39.15 23.31
CA TRP B 343 -13.91 -39.27 24.68
C TRP B 343 -13.12 -38.45 25.71
N ARG B 344 -11.79 -38.40 25.56
CA ARG B 344 -10.97 -37.48 26.35
C ARG B 344 -11.52 -36.05 26.22
N MET B 345 -11.86 -35.67 25.00
CA MET B 345 -12.38 -34.33 24.76
C MET B 345 -13.72 -34.14 25.48
N VAL B 346 -14.67 -35.07 25.29
CA VAL B 346 -16.02 -34.98 25.92
C VAL B 346 -15.89 -34.82 27.45
N PHE B 347 -15.08 -35.66 28.05
CA PHE B 347 -14.87 -35.61 29.46
C PHE B 347 -14.32 -34.23 29.86
N GLN B 348 -13.21 -33.83 29.27
CA GLN B 348 -12.43 -32.66 29.69
C GLN B 348 -13.24 -31.35 29.61
N GLU B 349 -14.10 -31.27 28.59
CA GLU B 349 -14.86 -30.07 28.30
C GLU B 349 -16.21 -30.13 29.03
N ASN B 350 -16.47 -31.20 29.79
CA ASN B 350 -17.71 -31.36 30.53
C ASN B 350 -18.95 -31.38 29.59
N SER B 351 -18.80 -31.77 28.33
CA SER B 351 -19.95 -31.88 27.38
C SER B 351 -20.90 -33.00 27.79
N ARG B 352 -22.20 -32.70 27.68
CA ARG B 352 -23.25 -33.61 28.06
C ARG B 352 -24.20 -33.91 26.90
N VAL B 353 -23.93 -33.33 25.72
CA VAL B 353 -24.79 -33.49 24.55
C VAL B 353 -23.87 -33.54 23.31
N ILE B 354 -24.09 -34.60 22.52
CA ILE B 354 -23.42 -34.84 21.29
C ILE B 354 -24.48 -34.86 20.18
N VAL B 355 -24.22 -34.10 19.12
CA VAL B 355 -25.04 -34.11 17.90
C VAL B 355 -24.21 -34.74 16.79
N MET B 356 -24.71 -35.87 16.29
CA MET B 356 -24.15 -36.56 15.12
C MET B 356 -25.05 -36.34 13.90
N THR B 357 -24.50 -35.71 12.88
CA THR B 357 -25.32 -35.23 11.71
C THR B 357 -25.21 -36.16 10.50
N THR B 358 -24.49 -37.27 10.64
CA THR B 358 -24.28 -38.18 9.53
C THR B 358 -24.70 -39.59 9.99
N LYS B 359 -25.03 -40.47 9.05
CA LYS B 359 -24.97 -41.91 9.29
C LYS B 359 -23.49 -42.31 9.44
N GLU B 360 -23.24 -43.49 9.97
CA GLU B 360 -21.88 -44.02 10.07
C GLU B 360 -21.34 -44.26 8.66
N VAL B 361 -22.23 -44.70 7.77
CA VAL B 361 -21.93 -45.10 6.41
C VAL B 361 -22.88 -44.34 5.48
N GLU B 362 -22.33 -43.65 4.50
CA GLU B 362 -23.15 -42.96 3.52
C GLU B 362 -22.63 -43.28 2.10
N ARG B 363 -23.50 -43.89 1.32
CA ARG B 363 -23.20 -44.31 -0.07
C ARG B 363 -21.93 -45.17 -0.07
N GLY B 364 -21.95 -46.23 0.74
CA GLY B 364 -20.84 -47.18 0.82
C GLY B 364 -19.53 -46.56 1.29
N LYS B 365 -19.57 -45.42 1.97
CA LYS B 365 -18.36 -44.82 2.53
C LYS B 365 -18.57 -44.48 4.01
N SER B 366 -17.52 -44.73 4.79
CA SER B 366 -17.48 -44.42 6.21
C SER B 366 -17.34 -42.91 6.37
N LYS B 367 -18.23 -42.35 7.18
CA LYS B 367 -18.26 -40.91 7.50
C LYS B 367 -17.87 -40.67 8.96
N CYS B 368 -18.24 -41.57 9.87
CA CYS B 368 -17.82 -41.53 11.30
C CYS B 368 -17.79 -42.96 11.83
N VAL B 369 -16.73 -43.36 12.53
CA VAL B 369 -16.74 -44.68 13.10
C VAL B 369 -17.71 -44.66 14.28
N LYS B 370 -18.17 -45.86 14.64
CA LYS B 370 -19.00 -46.11 15.79
C LYS B 370 -18.11 -45.93 17.03
N TYR B 371 -18.38 -44.92 17.82
CA TYR B 371 -17.53 -44.64 18.98
C TYR B 371 -18.30 -44.89 20.26
N TRP B 372 -19.49 -45.45 20.13
CA TRP B 372 -20.33 -45.77 21.26
C TRP B 372 -20.57 -47.28 21.26
N PRO B 373 -20.80 -47.85 22.42
CA PRO B 373 -21.25 -49.21 22.52
C PRO B 373 -22.72 -49.45 22.19
N ASP B 374 -23.01 -50.68 21.85
CA ASP B 374 -24.36 -51.17 21.64
C ASP B 374 -25.23 -51.05 22.85
N GLU B 375 -26.52 -51.00 22.63
CA GLU B 375 -27.45 -50.75 23.73
C GLU B 375 -27.19 -51.75 24.86
N TYR B 376 -27.16 -51.22 26.10
CA TYR B 376 -26.96 -51.98 27.36
C TYR B 376 -25.50 -52.42 27.55
N ALA B 377 -24.56 -52.09 26.65
CA ALA B 377 -23.16 -52.56 26.83
C ALA B 377 -22.29 -51.43 27.41
N LEU B 378 -21.15 -51.88 27.89
CA LEU B 378 -20.14 -51.06 28.50
C LEU B 378 -18.83 -51.33 27.75
N LYS B 379 -18.14 -50.27 27.38
CA LYS B 379 -16.86 -50.36 26.71
C LYS B 379 -15.88 -49.38 27.35
N GLU B 380 -14.62 -49.79 27.43
CA GLU B 380 -13.56 -48.91 27.79
C GLU B 380 -12.93 -48.32 26.52
N TYR B 381 -12.64 -47.04 26.57
CA TYR B 381 -12.07 -46.29 25.47
C TYR B 381 -10.82 -45.58 26.01
N GLY B 382 -9.72 -46.32 26.08
CA GLY B 382 -8.55 -45.97 26.87
C GLY B 382 -8.93 -45.81 28.34
N VAL B 383 -8.59 -44.65 28.91
CA VAL B 383 -8.89 -44.28 30.32
C VAL B 383 -10.39 -44.06 30.54
N MET B 384 -11.20 -43.95 29.49
CA MET B 384 -12.60 -43.62 29.69
C MET B 384 -13.42 -44.89 29.53
N ARG B 385 -14.55 -44.97 30.21
CA ARG B 385 -15.47 -46.06 30.05
C ARG B 385 -16.82 -45.44 29.67
N VAL B 386 -17.56 -46.11 28.81
CA VAL B 386 -18.87 -45.62 28.41
C VAL B 386 -19.89 -46.75 28.47
N ARG B 387 -20.98 -46.51 29.20
CA ARG B 387 -22.15 -47.35 29.23
C ARG B 387 -23.23 -46.76 28.33
N ASN B 388 -23.81 -47.58 27.46
CA ASN B 388 -25.04 -47.24 26.69
C ASN B 388 -26.25 -47.74 27.49
N VAL B 389 -26.88 -46.85 28.23
CA VAL B 389 -27.93 -47.17 29.22
C VAL B 389 -29.25 -47.50 28.51
N LYS B 390 -29.54 -46.77 27.43
CA LYS B 390 -30.84 -46.84 26.80
C LYS B 390 -30.80 -46.04 25.50
N GLU B 391 -31.35 -46.65 24.44
CA GLU B 391 -31.53 -46.02 23.15
C GLU B 391 -33.04 -45.72 22.98
N SER B 392 -33.36 -44.60 22.34
CA SER B 392 -34.75 -44.25 22.05
C SER B 392 -34.85 -43.77 20.60
N ALA B 393 -35.62 -44.48 19.80
CA ALA B 393 -35.68 -44.23 18.38
C ALA B 393 -36.93 -43.41 18.05
N ALA B 394 -36.72 -42.49 17.12
CA ALA B 394 -37.74 -41.74 16.48
C ALA B 394 -37.48 -41.89 14.98
N HIS B 395 -38.36 -41.39 14.12
CA HIS B 395 -38.19 -41.61 12.68
C HIS B 395 -36.88 -40.98 12.16
N ASP B 396 -36.59 -39.76 12.60
CA ASP B 396 -35.48 -38.96 12.08
C ASP B 396 -34.16 -39.11 12.87
N TYR B 397 -34.23 -39.61 14.09
CA TYR B 397 -33.02 -39.67 14.91
C TYR B 397 -33.15 -40.78 15.94
N THR B 398 -32.01 -41.21 16.44
CA THR B 398 -31.90 -42.04 17.64
C THR B 398 -31.25 -41.21 18.76
N LEU B 399 -31.78 -41.37 19.98
CA LEU B 399 -31.19 -40.80 21.17
C LEU B 399 -30.54 -41.93 21.99
N ARG B 400 -29.27 -41.78 22.32
CA ARG B 400 -28.63 -42.74 23.15
C ARG B 400 -28.20 -42.06 24.46
N GLU B 401 -28.67 -42.63 25.54
CA GLU B 401 -28.27 -42.17 26.87
C GLU B 401 -26.99 -42.91 27.29
N LEU B 402 -25.85 -42.21 27.31
CA LEU B 402 -24.54 -42.80 27.56
C LEU B 402 -24.04 -42.32 28.91
N LYS B 403 -23.32 -43.18 29.63
CA LYS B 403 -22.69 -42.73 30.88
C LYS B 403 -21.18 -42.86 30.75
N LEU B 404 -20.52 -41.74 30.99
CA LEU B 404 -19.11 -41.51 30.75
C LEU B 404 -18.45 -41.30 32.09
N SER B 405 -17.38 -42.05 32.33
CA SER B 405 -16.58 -41.93 33.55
C SER B 405 -15.13 -42.23 33.21
N LYS B 406 -14.26 -41.86 34.11
CA LYS B 406 -12.89 -42.19 34.03
C LYS B 406 -12.67 -43.50 34.78
N VAL B 407 -12.02 -44.43 34.10
CA VAL B 407 -11.70 -45.75 34.63
C VAL B 407 -10.89 -45.58 35.93
N GLY B 408 -11.33 -46.27 36.97
CA GLY B 408 -10.65 -46.24 38.27
C GLY B 408 -11.14 -45.13 39.19
N GLN B 409 -12.13 -44.36 38.78
CA GLN B 409 -12.58 -43.16 39.54
C GLN B 409 -14.09 -42.99 39.37
N GLY B 410 -14.87 -43.74 40.16
CA GLY B 410 -16.33 -43.83 39.99
C GLY B 410 -17.02 -42.47 39.92
N ASN B 411 -16.77 -41.65 40.95
CA ASN B 411 -17.50 -40.38 41.10
C ASN B 411 -17.09 -39.36 40.01
N THR B 412 -16.60 -39.81 38.84
CA THR B 412 -16.31 -38.91 37.69
C THR B 412 -17.44 -38.98 36.68
N GLU B 413 -18.42 -39.82 36.96
CA GLU B 413 -19.45 -40.21 36.03
C GLU B 413 -20.36 -39.03 35.72
N ARG B 414 -20.76 -38.94 34.45
CA ARG B 414 -21.81 -38.02 34.04
C ARG B 414 -22.54 -38.65 32.83
N THR B 415 -23.80 -38.23 32.66
CA THR B 415 -24.59 -38.68 31.58
C THR B 415 -24.29 -37.79 30.38
N VAL B 416 -24.15 -38.45 29.24
CA VAL B 416 -23.94 -37.81 27.91
C VAL B 416 -25.06 -38.30 26.99
N TRP B 417 -25.74 -37.34 26.40
CA TRP B 417 -26.90 -37.59 25.59
C TRP B 417 -26.49 -37.43 24.14
N GLN B 418 -26.47 -38.54 23.39
CA GLN B 418 -26.07 -38.52 21.98
C GLN B 418 -27.29 -38.51 21.07
N TYR B 419 -27.41 -37.46 20.29
CA TYR B 419 -28.53 -37.29 19.36
C TYR B 419 -28.02 -37.59 17.95
N HIS B 420 -28.35 -38.76 17.42
CA HIS B 420 -27.87 -39.21 16.13
C HIS B 420 -28.94 -39.02 15.05
N PHE B 421 -28.78 -37.99 14.22
CA PHE B 421 -29.74 -37.68 13.16
C PHE B 421 -29.45 -38.58 11.97
N ARG B 422 -30.48 -39.17 11.41
CA ARG B 422 -30.31 -40.35 10.52
C ARG B 422 -30.91 -40.13 9.14
N THR B 423 -31.70 -39.09 8.92
CA THR B 423 -32.43 -38.99 7.65
C THR B 423 -31.92 -37.81 6.83
N TRP B 424 -30.80 -37.21 7.19
CA TRP B 424 -30.25 -36.16 6.30
C TRP B 424 -29.96 -36.77 4.91
N PRO B 425 -30.37 -36.13 3.82
CA PRO B 425 -30.15 -36.77 2.51
C PRO B 425 -28.65 -36.91 2.21
N ASP B 426 -28.28 -37.87 1.38
CA ASP B 426 -26.87 -38.10 1.12
C ASP B 426 -26.24 -36.91 0.39
N HIS B 427 -26.94 -36.38 -0.61
CA HIS B 427 -26.53 -35.15 -1.29
C HIS B 427 -27.51 -34.01 -1.00
N GLY B 428 -26.98 -32.83 -0.65
CA GLY B 428 -27.81 -31.63 -0.61
C GLY B 428 -28.44 -31.42 0.75
N VAL B 429 -29.67 -30.92 0.78
CA VAL B 429 -30.34 -30.54 2.04
C VAL B 429 -31.79 -31.02 2.00
N PRO B 430 -32.44 -31.20 3.17
CA PRO B 430 -33.89 -31.55 3.14
C PRO B 430 -34.76 -30.46 2.51
N SER B 431 -35.80 -30.89 1.82
CA SER B 431 -36.76 -30.00 1.19
C SER B 431 -37.61 -29.30 2.25
N ASP B 432 -37.77 -29.94 3.42
CA ASP B 432 -38.57 -29.38 4.50
C ASP B 432 -37.70 -29.40 5.74
N PRO B 433 -37.61 -28.25 6.43
CA PRO B 433 -36.84 -28.15 7.66
C PRO B 433 -37.51 -28.63 8.96
N GLY B 434 -38.79 -29.04 8.91
CA GLY B 434 -39.62 -29.42 10.13
C GLY B 434 -38.93 -30.44 11.02
N GLY B 435 -38.45 -31.52 10.42
CA GLY B 435 -37.72 -32.56 11.17
C GLY B 435 -36.44 -32.05 11.83
N VAL B 436 -35.67 -31.25 11.11
CA VAL B 436 -34.42 -30.68 11.65
C VAL B 436 -34.77 -29.74 12.83
N LEU B 437 -35.79 -28.90 12.67
CA LEU B 437 -36.19 -28.02 13.76
C LEU B 437 -36.68 -28.83 14.95
N ASP B 438 -37.51 -29.87 14.77
CA ASP B 438 -37.98 -30.68 15.90
C ASP B 438 -36.80 -31.27 16.68
N PHE B 439 -35.83 -31.81 15.93
CA PHE B 439 -34.59 -32.40 16.47
C PHE B 439 -33.80 -31.36 17.27
N LEU B 440 -33.62 -30.20 16.68
CA LEU B 440 -32.86 -29.10 17.28
C LEU B 440 -33.52 -28.65 18.58
N GLU B 441 -34.83 -28.54 18.60
CA GLU B 441 -35.54 -28.15 19.82
C GLU B 441 -35.30 -29.15 20.95
N GLU B 442 -35.35 -30.47 20.69
CA GLU B 442 -35.04 -31.47 21.73
C GLU B 442 -33.62 -31.30 22.26
N VAL B 443 -32.66 -31.10 21.35
CA VAL B 443 -31.25 -30.94 21.68
C VAL B 443 -31.07 -29.73 22.59
N HIS B 444 -31.73 -28.65 22.26
CA HIS B 444 -31.63 -27.43 23.02
C HIS B 444 -32.23 -27.61 24.41
N HIS B 445 -33.37 -28.31 24.44
CA HIS B 445 -34.03 -28.48 25.74
C HIS B 445 -33.17 -29.36 26.64
N LYS B 446 -32.52 -30.39 26.08
CA LYS B 446 -31.69 -31.29 26.88
C LYS B 446 -30.53 -30.53 27.48
N GLN B 447 -29.78 -29.79 26.66
CA GLN B 447 -28.67 -28.96 27.10
C GLN B 447 -29.08 -27.96 28.19
N GLU B 448 -30.23 -27.31 28.00
CA GLU B 448 -30.68 -26.29 28.90
C GLU B 448 -31.07 -26.95 30.24
N SER B 449 -31.45 -28.22 30.26
CA SER B 449 -31.93 -28.92 31.47
C SER B 449 -30.78 -29.34 32.41
N ILE B 450 -29.54 -29.23 31.94
CA ILE B 450 -28.38 -29.84 32.63
C ILE B 450 -27.49 -28.71 33.15
N MET B 451 -27.49 -28.55 34.45
CA MET B 451 -27.06 -27.30 35.07
C MET B 451 -25.71 -26.82 34.50
N ASP B 452 -24.64 -27.59 34.68
CA ASP B 452 -23.31 -27.07 34.42
C ASP B 452 -22.70 -27.60 33.13
N ALA B 453 -23.54 -27.85 32.13
CA ALA B 453 -23.11 -28.53 30.93
C ALA B 453 -22.08 -27.68 30.17
N GLY B 454 -21.10 -28.35 29.59
CA GLY B 454 -20.13 -27.70 28.73
C GLY B 454 -20.66 -27.56 27.30
N PRO B 455 -19.76 -27.25 26.35
CA PRO B 455 -20.19 -27.09 24.99
C PRO B 455 -20.86 -28.35 24.42
N VAL B 456 -21.80 -28.09 23.52
CA VAL B 456 -22.45 -29.12 22.77
C VAL B 456 -21.51 -29.51 21.64
N VAL B 457 -21.24 -30.81 21.55
CA VAL B 457 -20.39 -31.37 20.52
C VAL B 457 -21.27 -31.65 19.30
N VAL B 458 -20.82 -31.23 18.11
CA VAL B 458 -21.54 -31.39 16.85
C VAL B 458 -20.50 -31.89 15.87
N HIS B 459 -20.78 -32.99 15.17
CA HIS B 459 -19.84 -33.54 14.26
C HIS B 459 -20.58 -34.21 13.10
N CYS B 460 -19.95 -34.15 11.92
CA CYS B 460 -20.43 -34.81 10.72
C CYS B 460 -19.27 -35.64 10.18
N SER B 461 -18.81 -35.35 8.99
CA SER B 461 -17.74 -36.09 8.32
C SER B 461 -16.42 -35.31 8.49
N ALA B 462 -16.26 -34.21 7.74
CA ALA B 462 -15.17 -33.26 7.94
C ALA B 462 -15.43 -32.29 9.10
N GLY B 463 -16.69 -32.19 9.53
CA GLY B 463 -17.05 -31.31 10.65
C GLY B 463 -17.13 -29.84 10.27
N ILE B 464 -17.53 -29.54 9.03
CA ILE B 464 -17.61 -28.15 8.57
C ILE B 464 -18.94 -27.89 7.83
N GLY B 465 -19.49 -28.82 7.07
CA GLY B 465 -20.69 -28.50 6.27
C GLY B 465 -21.97 -28.63 7.08
N ARG B 466 -22.38 -29.87 7.32
CA ARG B 466 -23.62 -30.11 8.06
C ARG B 466 -23.50 -29.55 9.48
N THR B 467 -22.31 -29.80 10.06
CA THR B 467 -21.93 -29.29 11.38
C THR B 467 -22.06 -27.76 11.48
N GLY B 468 -21.52 -27.03 10.52
CA GLY B 468 -21.60 -25.57 10.60
C GLY B 468 -23.01 -25.07 10.38
N THR B 469 -23.69 -25.69 9.43
CA THR B 469 -25.07 -25.40 9.13
C THR B 469 -25.91 -25.61 10.40
N PHE B 470 -25.77 -26.77 11.05
CA PHE B 470 -26.59 -27.01 12.26
C PHE B 470 -26.28 -25.95 13.35
N ILE B 471 -24.98 -25.65 13.61
CA ILE B 471 -24.59 -24.69 14.67
C ILE B 471 -25.15 -23.28 14.39
N VAL B 472 -25.04 -22.84 13.14
CA VAL B 472 -25.55 -21.54 12.71
C VAL B 472 -27.07 -21.46 12.90
N ILE B 473 -27.81 -22.50 12.55
CA ILE B 473 -29.25 -22.47 12.74
C ILE B 473 -29.51 -22.39 14.26
N ASP B 474 -28.77 -23.19 15.01
CA ASP B 474 -28.97 -23.19 16.44
C ASP B 474 -28.74 -21.82 17.05
N ILE B 475 -27.65 -21.14 16.65
CA ILE B 475 -27.32 -19.77 17.19
C ILE B 475 -28.43 -18.75 16.83
N LEU B 476 -28.90 -18.81 15.59
CA LEU B 476 -29.92 -17.91 15.08
C LEU B 476 -31.24 -18.08 15.84
N ILE B 477 -31.66 -19.33 16.03
CA ILE B 477 -32.94 -19.61 16.69
C ILE B 477 -32.84 -19.23 18.17
N ASP B 478 -31.67 -19.40 18.75
CA ASP B 478 -31.46 -18.97 20.15
C ASP B 478 -31.72 -17.50 20.36
N ILE B 479 -31.22 -16.69 19.44
CA ILE B 479 -31.47 -15.27 19.44
C ILE B 479 -32.98 -15.04 19.57
N ILE B 480 -33.76 -15.76 18.77
CA ILE B 480 -35.19 -15.50 18.60
C ILE B 480 -35.97 -16.08 19.78
N ARG B 481 -35.54 -17.26 20.22
CA ARG B 481 -36.09 -17.90 21.42
C ARG B 481 -35.97 -16.94 22.61
N GLU B 482 -34.82 -16.29 22.76
CA GLU B 482 -34.57 -15.36 23.87
C GLU B 482 -35.18 -13.98 23.60
N LYS B 483 -35.19 -13.47 22.36
CA LYS B 483 -35.60 -12.07 22.13
C LYS B 483 -37.06 -12.00 21.65
N GLY B 484 -37.64 -13.12 21.22
CA GLY B 484 -38.90 -13.08 20.51
C GLY B 484 -38.70 -12.66 19.07
N VAL B 485 -39.76 -12.79 18.27
CA VAL B 485 -39.69 -12.62 16.82
C VAL B 485 -39.12 -11.23 16.47
N ASP B 486 -39.51 -10.18 17.19
CA ASP B 486 -39.06 -8.81 16.89
C ASP B 486 -37.61 -8.53 17.34
N CYS B 487 -36.65 -9.23 16.76
CA CYS B 487 -35.23 -9.00 17.02
C CYS B 487 -34.45 -9.02 15.70
N ASP B 488 -33.29 -8.37 15.65
CA ASP B 488 -32.45 -8.39 14.43
C ASP B 488 -31.66 -9.70 14.27
N ILE B 489 -31.75 -10.32 13.10
CA ILE B 489 -30.78 -11.38 12.74
C ILE B 489 -30.00 -10.92 11.51
N ASP B 490 -28.82 -11.52 11.33
CA ASP B 490 -27.93 -11.27 10.22
C ASP B 490 -27.19 -12.58 9.94
N VAL B 491 -27.71 -13.31 8.93
CA VAL B 491 -27.32 -14.69 8.63
C VAL B 491 -25.84 -14.72 8.19
N PRO B 492 -25.49 -13.98 7.09
CA PRO B 492 -24.10 -14.05 6.62
C PRO B 492 -23.09 -13.53 7.65
N LYS B 493 -23.48 -12.55 8.47
CA LYS B 493 -22.60 -12.06 9.55
C LYS B 493 -22.38 -13.14 10.60
N THR B 494 -23.41 -13.93 10.87
CA THR B 494 -23.27 -14.99 11.89
C THR B 494 -22.35 -16.07 11.33
N ILE B 495 -22.48 -16.32 10.05
CA ILE B 495 -21.66 -17.34 9.41
C ILE B 495 -20.20 -16.90 9.41
N GLN B 496 -19.92 -15.62 9.12
CA GLN B 496 -18.53 -15.09 9.05
C GLN B 496 -17.85 -15.25 10.41
N MET B 497 -18.60 -14.97 11.46
CA MET B 497 -18.15 -15.11 12.86
C MET B 497 -17.81 -16.58 13.21
N VAL B 498 -18.58 -17.54 12.71
CA VAL B 498 -18.38 -18.98 13.00
C VAL B 498 -17.22 -19.53 12.13
N ARG B 499 -17.15 -19.09 10.87
CA ARG B 499 -16.05 -19.38 9.95
C ARG B 499 -14.70 -18.90 10.46
N SER B 500 -14.68 -17.86 11.28
CA SER B 500 -13.44 -17.37 11.86
C SER B 500 -12.99 -18.24 13.05
N GLN B 501 -13.77 -19.26 13.42
CA GLN B 501 -13.43 -20.17 14.53
C GLN B 501 -13.18 -21.61 14.05
N ARG B 502 -13.74 -22.00 12.90
CA ARG B 502 -13.35 -23.25 12.18
C ARG B 502 -13.55 -23.03 10.68
N SER B 503 -12.60 -23.56 9.89
CA SER B 503 -12.50 -23.27 8.45
C SER B 503 -13.76 -23.76 7.72
N GLY B 504 -14.36 -22.88 6.93
CA GLY B 504 -15.39 -23.26 5.98
C GLY B 504 -16.68 -23.72 6.65
N MET B 505 -17.01 -23.20 7.83
CA MET B 505 -18.31 -23.54 8.40
C MET B 505 -19.43 -23.04 7.48
N VAL B 506 -20.20 -23.98 6.98
CA VAL B 506 -21.28 -23.82 6.03
C VAL B 506 -20.64 -23.88 4.64
N GLN B 507 -20.88 -24.96 3.89
CA GLN B 507 -20.10 -25.30 2.69
C GLN B 507 -20.76 -24.83 1.39
N THR B 508 -22.08 -24.81 1.32
CA THR B 508 -22.75 -24.68 0.03
C THR B 508 -23.91 -23.68 0.10
N GLU B 509 -24.30 -23.23 -1.08
CA GLU B 509 -25.37 -22.32 -1.23
C GLU B 509 -26.70 -22.99 -0.87
N ALA B 510 -26.78 -24.31 -1.03
CA ALA B 510 -27.97 -25.07 -0.69
C ALA B 510 -28.16 -25.08 0.82
N GLN B 511 -27.06 -25.22 1.56
CA GLN B 511 -27.08 -25.16 3.01
C GLN B 511 -27.41 -23.73 3.46
N TYR B 512 -26.78 -22.75 2.84
CA TYR B 512 -27.08 -21.33 3.08
C TYR B 512 -28.60 -21.03 3.00
N ARG B 513 -29.22 -21.46 1.92
CA ARG B 513 -30.68 -21.31 1.69
C ARG B 513 -31.46 -22.07 2.77
N PHE B 514 -30.96 -23.24 3.11
CA PHE B 514 -31.62 -24.09 4.12
C PHE B 514 -31.69 -23.34 5.46
N ILE B 515 -30.63 -22.64 5.86
CA ILE B 515 -30.60 -21.81 7.12
C ILE B 515 -31.78 -20.84 7.13
N TYR B 516 -31.90 -20.11 6.01
CA TYR B 516 -32.98 -19.15 5.83
C TYR B 516 -34.34 -19.85 5.94
N MET B 517 -34.51 -21.01 5.29
CA MET B 517 -35.80 -21.75 5.33
C MET B 517 -36.09 -22.22 6.77
N ALA B 518 -35.08 -22.70 7.48
CA ALA B 518 -35.29 -23.22 8.83
C ALA B 518 -35.77 -22.08 9.75
N VAL B 519 -35.05 -20.95 9.72
CA VAL B 519 -35.41 -19.79 10.53
C VAL B 519 -36.86 -19.39 10.19
N GLN B 520 -37.12 -19.20 8.92
CA GLN B 520 -38.50 -18.85 8.48
C GLN B 520 -39.54 -19.80 9.09
N HIS B 521 -39.27 -21.12 9.03
CA HIS B 521 -40.22 -22.14 9.50
C HIS B 521 -40.36 -22.03 11.02
N TYR B 522 -39.23 -21.77 11.68
CA TYR B 522 -39.25 -21.51 13.11
C TYR B 522 -40.12 -20.28 13.43
N ILE B 523 -39.93 -19.18 12.70
CA ILE B 523 -40.72 -17.95 12.94
C ILE B 523 -42.20 -18.25 12.65
N GLU B 524 -42.47 -19.05 11.62
CA GLU B 524 -43.87 -19.30 11.21
C GLU B 524 -44.55 -20.19 12.26
N THR B 525 -43.82 -21.17 12.80
CA THR B 525 -44.35 -22.00 13.87
C THR B 525 -44.71 -21.12 15.08
N LEU B 526 -43.80 -20.23 15.49
CA LEU B 526 -44.07 -19.33 16.63
C LEU B 526 -45.35 -18.53 16.37
N GLN B 527 -45.35 -17.64 15.39
CA GLN B 527 -46.45 -16.74 15.20
C GLN B 527 -47.78 -17.50 15.08
N ARG B 528 -47.76 -18.71 14.52
CA ARG B 528 -49.02 -19.47 14.34
C ARG B 528 -49.48 -20.01 15.69
N ARG B 529 -48.53 -20.32 16.56
CA ARG B 529 -48.86 -20.76 17.91
C ARG B 529 -49.32 -19.54 18.72
#